data_1XUT
#
_entry.id   1XUT
#
_cell.length_a   1.000
_cell.length_b   1.000
_cell.length_c   1.000
_cell.angle_alpha   90.00
_cell.angle_beta   90.00
_cell.angle_gamma   90.00
#
_symmetry.space_group_name_H-M   'P 1'
#
_entity_poly.entity_id   1
_entity_poly.type   'polypeptide(L)'
_entity_poly.pdbx_seq_one_letter_code
;GSPWSLSCRKEQGKFYDHLLRDCISCASICGQHPKQCAYFCENKLR
;
_entity_poly.pdbx_strand_id   A
#
# COMPACT_ATOMS: atom_id res chain seq x y z
N GLY A 1 -4.48 5.28 18.22
CA GLY A 1 -3.08 4.84 18.43
C GLY A 1 -2.14 5.34 17.34
N SER A 2 -2.00 4.55 16.28
CA SER A 2 -1.13 4.91 15.17
C SER A 2 -1.72 6.08 14.38
N PRO A 3 -0.95 6.64 13.43
CA PRO A 3 -1.39 7.76 12.61
C PRO A 3 -2.25 7.32 11.42
N TRP A 4 -2.55 6.02 11.36
CA TRP A 4 -3.36 5.48 10.27
C TRP A 4 -4.83 5.84 10.47
N SER A 5 -5.24 6.98 9.91
CA SER A 5 -6.61 7.44 10.03
C SER A 5 -7.08 8.18 8.77
N LEU A 6 -6.15 8.89 8.13
CA LEU A 6 -6.47 9.63 6.92
C LEU A 6 -6.29 8.78 5.66
N SER A 7 -6.31 7.46 5.84
CA SER A 7 -6.14 6.55 4.71
C SER A 7 -7.40 6.52 3.86
N CYS A 8 -7.28 5.96 2.65
CA CYS A 8 -8.42 5.86 1.73
C CYS A 8 -8.46 4.48 1.09
N ARG A 9 -9.68 3.97 0.92
CA ARG A 9 -9.87 2.65 0.31
C ARG A 9 -10.66 2.75 -0.99
N LYS A 10 -9.95 2.80 -2.11
CA LYS A 10 -10.57 2.88 -3.42
C LYS A 10 -10.72 1.50 -4.03
N GLU A 11 -9.76 0.62 -3.73
CA GLU A 11 -9.78 -0.74 -4.26
C GLU A 11 -9.82 -1.75 -3.11
N GLN A 12 -9.54 -3.01 -3.42
CA GLN A 12 -9.55 -4.07 -2.43
C GLN A 12 -8.26 -4.06 -1.60
N GLY A 13 -7.14 -3.80 -2.28
CA GLY A 13 -5.86 -3.77 -1.59
C GLY A 13 -5.23 -2.39 -1.61
N LYS A 14 -4.74 -1.95 -0.47
CA LYS A 14 -4.11 -0.63 -0.36
C LYS A 14 -3.23 -0.54 0.88
N PHE A 15 -2.64 0.63 1.09
CA PHE A 15 -1.76 0.84 2.24
C PHE A 15 -1.51 2.33 2.47
N TYR A 16 -0.94 2.66 3.62
CA TYR A 16 -0.65 4.05 3.96
C TYR A 16 0.85 4.28 4.04
N ASP A 17 1.36 5.12 3.15
CA ASP A 17 2.79 5.43 3.12
C ASP A 17 3.10 6.60 4.04
N HIS A 18 3.70 6.31 5.19
CA HIS A 18 4.05 7.32 6.17
C HIS A 18 4.85 8.47 5.54
N LEU A 19 6.02 8.14 4.99
CA LEU A 19 6.87 9.14 4.36
C LEU A 19 6.09 10.07 3.45
N LEU A 20 4.99 9.56 2.88
CA LEU A 20 4.15 10.35 2.00
C LEU A 20 3.00 11.01 2.76
N ARG A 21 2.59 10.36 3.85
CA ARG A 21 1.49 10.87 4.66
C ARG A 21 0.16 10.77 3.92
N ASP A 22 0.15 10.04 2.81
CA ASP A 22 -1.05 9.85 2.01
C ASP A 22 -1.41 8.38 1.90
N CYS A 23 -2.49 8.10 1.19
CA CYS A 23 -2.93 6.71 1.01
C CYS A 23 -2.57 6.22 -0.39
N ILE A 24 -1.62 5.30 -0.45
CA ILE A 24 -1.16 4.75 -1.72
C ILE A 24 -1.65 3.32 -1.90
N SER A 25 -1.84 2.92 -3.15
CA SER A 25 -2.30 1.58 -3.48
C SER A 25 -1.12 0.64 -3.70
N CYS A 26 -1.41 -0.66 -3.76
CA CYS A 26 -0.37 -1.66 -3.97
C CYS A 26 -0.45 -2.25 -5.37
N ALA A 27 -1.67 -2.30 -5.92
CA ALA A 27 -1.89 -2.85 -7.25
C ALA A 27 -1.42 -1.88 -8.32
N SER A 28 -1.52 -0.59 -8.03
CA SER A 28 -1.11 0.45 -8.97
C SER A 28 0.41 0.53 -9.07
N ILE A 29 1.10 0.10 -8.02
CA ILE A 29 2.55 0.14 -7.99
C ILE A 29 3.16 -1.26 -8.06
N CYS A 30 2.42 -2.20 -8.65
CA CYS A 30 2.90 -3.57 -8.77
C CYS A 30 4.18 -3.63 -9.59
N GLY A 31 5.22 -4.21 -8.99
CA GLY A 31 6.50 -4.32 -9.67
C GLY A 31 7.51 -3.30 -9.16
N GLN A 32 7.01 -2.16 -8.69
CA GLN A 32 7.86 -1.10 -8.15
C GLN A 32 7.25 -0.49 -6.90
N HIS A 33 7.06 -1.33 -5.88
CA HIS A 33 6.48 -0.89 -4.62
C HIS A 33 7.30 -1.38 -3.44
N PRO A 34 7.19 -0.70 -2.29
CA PRO A 34 7.92 -1.07 -1.07
C PRO A 34 7.59 -2.49 -0.62
N LYS A 35 8.16 -2.89 0.51
CA LYS A 35 7.93 -4.24 1.04
C LYS A 35 6.49 -4.40 1.53
N GLN A 36 5.92 -3.33 2.05
CA GLN A 36 4.55 -3.37 2.55
C GLN A 36 3.58 -3.87 1.49
N CYS A 37 3.82 -3.47 0.24
CA CYS A 37 2.97 -3.88 -0.87
C CYS A 37 3.47 -5.17 -1.51
N ALA A 38 4.36 -5.87 -0.82
CA ALA A 38 4.91 -7.12 -1.33
C ALA A 38 3.85 -8.22 -1.39
N TYR A 39 2.84 -8.10 -0.53
CA TYR A 39 1.77 -9.10 -0.48
C TYR A 39 0.91 -9.06 -1.75
N PHE A 40 1.09 -8.04 -2.57
CA PHE A 40 0.32 -7.90 -3.81
C PHE A 40 1.07 -8.51 -4.99
N CYS A 41 2.16 -7.85 -5.39
CA CYS A 41 2.95 -8.33 -6.53
C CYS A 41 4.42 -8.47 -6.14
N GLU A 42 4.75 -9.57 -5.47
CA GLU A 42 6.12 -9.81 -5.06
C GLU A 42 6.31 -11.26 -4.60
N ASN A 43 7.50 -11.56 -4.07
CA ASN A 43 7.82 -12.90 -3.60
C ASN A 43 6.77 -13.39 -2.60
N LYS A 44 6.18 -12.47 -1.86
CA LYS A 44 5.17 -12.81 -0.86
C LYS A 44 3.99 -13.55 -1.50
N LEU A 45 3.64 -13.15 -2.72
CA LEU A 45 2.53 -13.77 -3.43
C LEU A 45 2.93 -14.11 -4.87
N ARG A 46 3.12 -13.07 -5.69
CA ARG A 46 3.51 -13.27 -7.08
C ARG A 46 4.89 -12.70 -7.34
N GLY A 1 -7.96 8.08 15.84
CA GLY A 1 -7.02 9.12 16.36
C GLY A 1 -5.85 9.36 15.43
N SER A 2 -5.24 8.28 14.96
CA SER A 2 -4.09 8.38 14.06
C SER A 2 -4.49 9.09 12.76
N PRO A 3 -3.48 9.57 12.00
CA PRO A 3 -3.72 10.27 10.74
C PRO A 3 -3.76 9.33 9.54
N TRP A 4 -4.08 8.06 9.79
CA TRP A 4 -4.15 7.07 8.72
C TRP A 4 -5.59 6.88 8.26
N SER A 5 -6.36 7.97 8.25
CA SER A 5 -7.75 7.91 7.83
C SER A 5 -8.29 9.31 7.54
N LEU A 6 -7.50 10.09 6.80
CA LEU A 6 -7.89 11.45 6.45
C LEU A 6 -9.17 11.46 5.60
N SER A 7 -9.15 10.68 4.53
CA SER A 7 -10.30 10.59 3.64
C SER A 7 -10.08 9.52 2.57
N CYS A 8 -9.69 8.33 3.00
CA CYS A 8 -9.44 7.22 2.09
C CYS A 8 -10.35 6.03 2.41
N ARG A 9 -10.21 4.96 1.64
CA ARG A 9 -11.02 3.77 1.84
C ARG A 9 -10.41 2.88 2.91
N LYS A 10 -11.24 2.04 3.52
CA LYS A 10 -10.77 1.12 4.57
C LYS A 10 -10.31 -0.20 3.98
N GLU A 11 -10.23 -0.29 2.65
CA GLU A 11 -9.81 -1.51 1.98
C GLU A 11 -8.40 -1.92 2.44
N GLN A 12 -8.23 -3.21 2.67
CA GLN A 12 -6.94 -3.73 3.11
C GLN A 12 -5.96 -3.90 1.94
N GLY A 13 -6.44 -3.59 0.73
CA GLY A 13 -5.60 -3.71 -0.44
C GLY A 13 -4.74 -2.47 -0.69
N LYS A 14 -4.78 -1.52 0.25
CA LYS A 14 -4.01 -0.30 0.13
C LYS A 14 -3.36 0.07 1.46
N PHE A 15 -2.21 0.74 1.39
CA PHE A 15 -1.50 1.15 2.59
C PHE A 15 -1.38 2.67 2.66
N TYR A 16 -0.94 3.18 3.80
CA TYR A 16 -0.77 4.62 3.98
C TYR A 16 0.69 4.98 4.24
N ASP A 17 1.18 5.97 3.51
CA ASP A 17 2.57 6.41 3.65
C ASP A 17 2.64 7.73 4.41
N HIS A 18 3.35 7.73 5.53
CA HIS A 18 3.48 8.92 6.36
C HIS A 18 4.33 9.99 5.67
N LEU A 19 5.49 9.60 5.16
CA LEU A 19 6.39 10.53 4.48
C LEU A 19 5.67 11.25 3.35
N LEU A 20 4.61 10.64 2.83
CA LEU A 20 3.84 11.23 1.74
C LEU A 20 2.56 11.87 2.26
N ARG A 21 2.08 11.37 3.40
CA ARG A 21 0.84 11.89 4.01
C ARG A 21 -0.37 11.51 3.18
N ASP A 22 -0.19 10.55 2.27
CA ASP A 22 -1.29 10.10 1.41
C ASP A 22 -1.48 8.60 1.54
N CYS A 23 -2.50 8.08 0.87
CA CYS A 23 -2.80 6.65 0.90
C CYS A 23 -2.35 5.98 -0.39
N ILE A 24 -1.18 5.37 -0.35
CA ILE A 24 -0.62 4.69 -1.52
C ILE A 24 -1.06 3.24 -1.60
N SER A 25 -1.68 2.87 -2.72
CA SER A 25 -2.16 1.51 -2.92
C SER A 25 -1.01 0.58 -3.29
N CYS A 26 -1.28 -0.72 -3.28
CA CYS A 26 -0.27 -1.72 -3.60
C CYS A 26 -0.33 -2.08 -5.08
N ALA A 27 -1.54 -2.28 -5.59
CA ALA A 27 -1.73 -2.63 -6.99
C ALA A 27 -1.27 -1.51 -7.92
N SER A 28 -1.37 -0.28 -7.45
CA SER A 28 -0.96 0.88 -8.24
C SER A 28 0.56 0.96 -8.37
N ILE A 29 1.28 0.24 -7.53
CA ILE A 29 2.74 0.26 -7.56
C ILE A 29 3.30 -1.13 -7.86
N CYS A 30 2.51 -1.97 -8.54
CA CYS A 30 2.96 -3.32 -8.89
C CYS A 30 4.25 -3.27 -9.71
N GLY A 31 5.31 -3.82 -9.16
CA GLY A 31 6.59 -3.84 -9.84
C GLY A 31 7.68 -3.18 -9.03
N GLN A 32 7.38 -2.00 -8.50
CA GLN A 32 8.35 -1.26 -7.68
C GLN A 32 7.69 -0.80 -6.37
N HIS A 33 7.32 -1.76 -5.55
CA HIS A 33 6.67 -1.47 -4.27
C HIS A 33 7.42 -2.14 -3.11
N PRO A 34 7.22 -1.64 -1.89
CA PRO A 34 7.88 -2.19 -0.69
C PRO A 34 7.48 -3.65 -0.45
N LYS A 35 8.18 -4.30 0.48
CA LYS A 35 7.91 -5.69 0.80
C LYS A 35 6.45 -5.90 1.22
N GLN A 36 5.84 -4.84 1.75
CA GLN A 36 4.46 -4.91 2.20
C GLN A 36 3.52 -5.24 1.04
N CYS A 37 3.84 -4.71 -0.14
CA CYS A 37 3.02 -4.94 -1.32
C CYS A 37 3.54 -6.12 -2.14
N ALA A 38 4.26 -7.02 -1.48
CA ALA A 38 4.82 -8.19 -2.15
C ALA A 38 3.77 -9.26 -2.39
N TYR A 39 2.68 -9.19 -1.63
CA TYR A 39 1.59 -10.17 -1.76
C TYR A 39 0.74 -9.90 -3.00
N PHE A 40 1.02 -8.81 -3.69
CA PHE A 40 0.27 -8.45 -4.90
C PHE A 40 1.04 -8.84 -6.16
N CYS A 41 2.13 -8.14 -6.42
CA CYS A 41 2.95 -8.41 -7.60
C CYS A 41 4.42 -8.55 -7.20
N GLU A 42 4.81 -9.76 -6.79
CA GLU A 42 6.18 -10.01 -6.38
C GLU A 42 6.49 -11.51 -6.41
N ASN A 43 7.68 -11.86 -5.92
CA ASN A 43 8.11 -13.25 -5.88
C ASN A 43 7.04 -14.15 -5.27
N LYS A 44 6.33 -13.63 -4.27
CA LYS A 44 5.27 -14.39 -3.60
C LYS A 44 4.14 -14.70 -4.56
N LEU A 45 3.74 -13.70 -5.34
CA LEU A 45 2.65 -13.88 -6.30
C LEU A 45 2.96 -13.12 -7.60
N ARG A 46 3.37 -13.87 -8.63
CA ARG A 46 3.69 -13.28 -9.92
C ARG A 46 3.29 -14.22 -11.06
N GLY A 1 -7.59 10.01 16.47
CA GLY A 1 -6.46 9.34 17.18
C GLY A 1 -5.29 9.03 16.28
N SER A 2 -5.41 7.95 15.52
CA SER A 2 -4.35 7.55 14.59
C SER A 2 -4.40 8.36 13.31
N PRO A 3 -3.25 8.53 12.64
CA PRO A 3 -3.16 9.29 11.38
C PRO A 3 -3.97 8.65 10.26
N TRP A 4 -3.77 7.35 10.05
CA TRP A 4 -4.49 6.63 9.01
C TRP A 4 -5.53 5.69 9.60
N SER A 5 -6.77 5.84 9.14
CA SER A 5 -7.87 5.01 9.63
C SER A 5 -9.15 5.31 8.85
N LEU A 6 -9.65 6.54 8.97
CA LEU A 6 -10.86 6.95 8.29
C LEU A 6 -10.55 7.86 7.10
N SER A 7 -9.33 8.40 7.08
CA SER A 7 -8.90 9.30 6.00
C SER A 7 -9.01 8.60 4.65
N CYS A 8 -8.61 7.34 4.60
CA CYS A 8 -8.66 6.57 3.36
C CYS A 8 -9.77 5.52 3.41
N ARG A 9 -10.11 4.97 2.24
CA ARG A 9 -11.16 3.96 2.15
C ARG A 9 -10.82 2.74 3.00
N LYS A 10 -11.74 1.79 3.06
CA LYS A 10 -11.54 0.58 3.84
C LYS A 10 -10.97 -0.55 2.98
N GLU A 11 -10.59 -0.23 1.75
CA GLU A 11 -10.02 -1.23 0.84
C GLU A 11 -8.76 -1.85 1.42
N GLN A 12 -8.78 -3.17 1.60
CA GLN A 12 -7.63 -3.89 2.15
C GLN A 12 -6.43 -3.79 1.24
N GLY A 13 -6.66 -3.42 -0.03
CA GLY A 13 -5.58 -3.30 -0.99
C GLY A 13 -5.02 -1.89 -1.06
N LYS A 14 -5.17 -1.14 0.04
CA LYS A 14 -4.66 0.24 0.09
C LYS A 14 -4.05 0.53 1.44
N PHE A 15 -2.97 1.30 1.45
CA PHE A 15 -2.28 1.65 2.69
C PHE A 15 -1.98 3.15 2.74
N TYR A 16 -1.50 3.61 3.89
CA TYR A 16 -1.18 5.02 4.07
C TYR A 16 0.32 5.19 4.35
N ASP A 17 0.99 5.95 3.49
CA ASP A 17 2.42 6.20 3.66
C ASP A 17 2.66 7.48 4.44
N HIS A 18 3.34 7.36 5.57
CA HIS A 18 3.62 8.50 6.44
C HIS A 18 4.59 9.47 5.76
N LEU A 19 5.69 8.95 5.23
CA LEU A 19 6.69 9.78 4.57
C LEU A 19 6.07 10.59 3.43
N LEU A 20 4.94 10.11 2.92
CA LEU A 20 4.26 10.80 1.83
C LEU A 20 3.01 11.53 2.33
N ARG A 21 2.49 11.07 3.46
CA ARG A 21 1.28 11.68 4.05
C ARG A 21 0.07 11.44 3.16
N ASP A 22 0.18 10.50 2.23
CA ASP A 22 -0.91 10.17 1.33
C ASP A 22 -1.30 8.70 1.44
N CYS A 23 -2.34 8.31 0.72
CA CYS A 23 -2.81 6.92 0.74
C CYS A 23 -2.38 6.20 -0.52
N ILE A 24 -1.30 5.44 -0.43
CA ILE A 24 -0.78 4.69 -1.57
C ILE A 24 -1.25 3.24 -1.55
N SER A 25 -1.69 2.76 -2.71
CA SER A 25 -2.17 1.39 -2.84
C SER A 25 -1.03 0.47 -3.27
N CYS A 26 -1.28 -0.84 -3.20
CA CYS A 26 -0.25 -1.82 -3.58
C CYS A 26 -0.41 -2.23 -5.04
N ALA A 27 -1.61 -2.67 -5.40
CA ALA A 27 -1.89 -3.09 -6.77
C ALA A 27 -1.55 -2.00 -7.78
N SER A 28 -1.63 -0.74 -7.35
CA SER A 28 -1.33 0.39 -8.21
C SER A 28 0.18 0.64 -8.31
N ILE A 29 0.97 -0.15 -7.59
CA ILE A 29 2.42 0.02 -7.61
C ILE A 29 3.14 -1.30 -7.89
N CYS A 30 2.45 -2.22 -8.56
CA CYS A 30 3.04 -3.51 -8.88
C CYS A 30 4.32 -3.34 -9.71
N GLY A 31 5.44 -3.77 -9.15
CA GLY A 31 6.72 -3.65 -9.83
C GLY A 31 7.69 -2.79 -9.07
N GLN A 32 7.20 -1.67 -8.54
CA GLN A 32 8.03 -0.76 -7.77
C GLN A 32 7.34 -0.38 -6.47
N HIS A 33 7.15 -1.36 -5.59
CA HIS A 33 6.49 -1.15 -4.32
C HIS A 33 7.28 -1.77 -3.17
N PRO A 34 7.03 -1.31 -1.93
CA PRO A 34 7.72 -1.83 -0.74
C PRO A 34 7.48 -3.31 -0.52
N LYS A 35 8.02 -3.84 0.57
CA LYS A 35 7.87 -5.25 0.91
C LYS A 35 6.41 -5.60 1.20
N GLN A 36 5.71 -4.72 1.91
CA GLN A 36 4.32 -4.95 2.26
C GLN A 36 3.47 -5.25 1.02
N CYS A 37 3.84 -4.67 -0.11
CA CYS A 37 3.12 -4.88 -1.36
C CYS A 37 3.74 -6.03 -2.16
N ALA A 38 4.51 -6.88 -1.49
CA ALA A 38 5.16 -8.01 -2.16
C ALA A 38 4.19 -9.16 -2.39
N TYR A 39 3.16 -9.24 -1.55
CA TYR A 39 2.16 -10.30 -1.67
C TYR A 39 1.34 -10.16 -2.95
N PHE A 40 1.46 -9.01 -3.61
CA PHE A 40 0.72 -8.77 -4.85
C PHE A 40 1.57 -9.12 -6.07
N CYS A 41 2.59 -8.33 -6.33
CA CYS A 41 3.48 -8.56 -7.47
C CYS A 41 4.94 -8.55 -7.02
N GLU A 42 5.46 -9.72 -6.69
CA GLU A 42 6.85 -9.84 -6.25
C GLU A 42 7.32 -11.29 -6.26
N ASN A 43 8.51 -11.52 -5.74
CA ASN A 43 9.09 -12.87 -5.68
C ASN A 43 8.07 -13.88 -5.17
N LYS A 44 7.43 -13.56 -4.04
CA LYS A 44 6.44 -14.44 -3.46
C LYS A 44 5.06 -13.81 -3.47
N LEU A 45 4.04 -14.61 -3.74
CA LEU A 45 2.66 -14.13 -3.79
C LEU A 45 1.67 -15.26 -3.55
N ARG A 46 1.90 -16.39 -4.22
CA ARG A 46 1.03 -17.55 -4.09
C ARG A 46 1.82 -18.84 -4.27
N GLY A 1 1.69 -0.97 12.06
CA GLY A 1 1.88 -1.07 10.58
C GLY A 1 1.31 0.14 9.85
N SER A 2 -0.01 0.17 9.70
CA SER A 2 -0.67 1.27 9.01
C SER A 2 -1.39 2.18 10.01
N PRO A 3 -0.81 3.35 10.33
CA PRO A 3 -1.41 4.30 11.27
C PRO A 3 -2.80 4.77 10.82
N TRP A 4 -2.84 5.52 9.73
CA TRP A 4 -4.10 6.03 9.20
C TRP A 4 -4.49 5.29 7.93
N SER A 5 -5.73 5.49 7.49
CA SER A 5 -6.24 4.84 6.29
C SER A 5 -7.65 5.31 5.97
N LEU A 6 -7.85 6.63 5.96
CA LEU A 6 -9.15 7.20 5.67
C LEU A 6 -9.25 7.62 4.20
N SER A 7 -8.11 7.90 3.59
CA SER A 7 -8.07 8.32 2.20
C SER A 7 -7.96 7.11 1.27
N CYS A 8 -8.84 6.13 1.47
CA CYS A 8 -8.84 4.93 0.65
C CYS A 8 -10.17 4.17 0.78
N ARG A 9 -10.24 3.02 0.15
CA ARG A 9 -11.45 2.19 0.19
C ARG A 9 -11.21 0.91 0.98
N LYS A 10 -12.26 0.12 1.13
CA LYS A 10 -12.17 -1.15 1.87
C LYS A 10 -11.19 -2.11 1.20
N GLU A 11 -10.84 -1.84 -0.07
CA GLU A 11 -9.91 -2.68 -0.81
C GLU A 11 -8.72 -3.08 0.04
N GLN A 12 -8.29 -4.33 -0.09
CA GLN A 12 -7.15 -4.84 0.67
C GLN A 12 -5.83 -4.41 0.03
N GLY A 13 -5.82 -4.25 -1.29
CA GLY A 13 -4.63 -3.84 -1.98
C GLY A 13 -4.33 -2.36 -1.83
N LYS A 14 -4.14 -1.93 -0.58
CA LYS A 14 -3.86 -0.53 -0.30
C LYS A 14 -3.02 -0.39 0.98
N PHE A 15 -2.39 0.76 1.15
CA PHE A 15 -1.57 1.02 2.32
C PHE A 15 -1.40 2.52 2.54
N TYR A 16 -0.88 2.89 3.71
CA TYR A 16 -0.67 4.30 4.04
C TYR A 16 0.81 4.59 4.24
N ASP A 17 1.30 5.60 3.53
CA ASP A 17 2.71 6.00 3.63
C ASP A 17 2.85 7.17 4.60
N HIS A 18 3.61 6.96 5.67
CA HIS A 18 3.82 7.98 6.69
C HIS A 18 4.62 9.17 6.16
N LEU A 19 5.74 8.89 5.50
CA LEU A 19 6.58 9.96 4.94
C LEU A 19 5.84 10.75 3.88
N LEU A 20 4.74 10.21 3.37
CA LEU A 20 3.94 10.88 2.35
C LEU A 20 2.67 11.46 2.94
N ARG A 21 2.21 10.88 4.04
CA ARG A 21 0.99 11.34 4.71
C ARG A 21 -0.25 11.06 3.85
N ASP A 22 -0.09 10.22 2.83
CA ASP A 22 -1.19 9.87 1.93
C ASP A 22 -1.41 8.36 1.91
N CYS A 23 -2.49 7.95 1.27
CA CYS A 23 -2.82 6.53 1.17
C CYS A 23 -2.48 6.01 -0.23
N ILE A 24 -1.31 5.39 -0.34
CA ILE A 24 -0.84 4.86 -1.61
C ILE A 24 -1.40 3.46 -1.85
N SER A 25 -1.61 3.12 -3.12
CA SER A 25 -2.13 1.82 -3.49
C SER A 25 -1.00 0.83 -3.77
N CYS A 26 -1.35 -0.45 -3.88
CA CYS A 26 -0.37 -1.49 -4.14
C CYS A 26 -0.50 -2.01 -5.57
N ALA A 27 -1.73 -2.32 -5.99
CA ALA A 27 -1.97 -2.84 -7.33
C ALA A 27 -1.47 -1.86 -8.40
N SER A 28 -1.50 -0.58 -8.07
CA SER A 28 -1.05 0.45 -9.01
C SER A 28 0.47 0.48 -9.10
N ILE A 29 1.15 -0.05 -8.10
CA ILE A 29 2.60 -0.07 -8.07
C ILE A 29 3.15 -1.49 -8.12
N CYS A 30 2.35 -2.42 -8.65
CA CYS A 30 2.78 -3.81 -8.75
C CYS A 30 4.01 -3.94 -9.65
N GLY A 31 5.11 -4.39 -9.06
CA GLY A 31 6.33 -4.55 -9.82
C GLY A 31 7.43 -3.60 -9.36
N GLN A 32 7.02 -2.45 -8.82
CA GLN A 32 7.97 -1.46 -8.33
C GLN A 32 7.47 -0.82 -7.04
N HIS A 33 7.07 -1.67 -6.10
CA HIS A 33 6.56 -1.20 -4.82
C HIS A 33 7.40 -1.77 -3.67
N PRO A 34 7.35 -1.12 -2.49
CA PRO A 34 8.11 -1.56 -1.31
C PRO A 34 7.66 -2.94 -0.83
N LYS A 35 8.31 -3.42 0.23
CA LYS A 35 7.97 -4.73 0.79
C LYS A 35 6.54 -4.75 1.32
N GLN A 36 6.01 -3.58 1.67
CA GLN A 36 4.65 -3.47 2.19
C GLN A 36 3.64 -3.97 1.17
N CYS A 37 3.86 -3.66 -0.10
CA CYS A 37 2.96 -4.08 -1.16
C CYS A 37 3.43 -5.38 -1.80
N ALA A 38 4.14 -6.20 -1.03
CA ALA A 38 4.64 -7.47 -1.53
C ALA A 38 3.55 -8.52 -1.58
N TYR A 39 2.59 -8.41 -0.66
CA TYR A 39 1.48 -9.35 -0.60
C TYR A 39 0.66 -9.33 -1.89
N PHE A 40 0.78 -8.24 -2.65
CA PHE A 40 0.04 -8.09 -3.89
C PHE A 40 0.80 -8.73 -5.06
N CYS A 41 1.92 -8.11 -5.45
CA CYS A 41 2.72 -8.62 -6.55
C CYS A 41 4.21 -8.66 -6.17
N GLU A 42 4.66 -9.82 -5.71
CA GLU A 42 6.06 -9.97 -5.31
C GLU A 42 6.42 -11.45 -5.15
N ASN A 43 7.64 -11.70 -4.70
CA ASN A 43 8.13 -13.07 -4.51
C ASN A 43 7.23 -13.82 -3.52
N LYS A 44 6.17 -14.42 -4.03
CA LYS A 44 5.24 -15.19 -3.20
C LYS A 44 4.11 -15.78 -4.04
N LEU A 45 3.67 -15.04 -5.04
CA LEU A 45 2.60 -15.49 -5.92
C LEU A 45 3.12 -15.77 -7.33
N ARG A 46 4.00 -16.77 -7.45
CA ARG A 46 4.56 -17.13 -8.75
C ARG A 46 4.40 -18.62 -9.02
N GLY A 1 -5.26 0.56 8.20
CA GLY A 1 -4.91 1.46 9.34
C GLY A 1 -4.21 2.72 8.90
N SER A 2 -4.15 3.70 9.78
CA SER A 2 -3.48 4.97 9.47
C SER A 2 -2.91 5.61 10.74
N PRO A 3 -1.67 6.14 10.66
CA PRO A 3 -1.01 6.76 11.80
C PRO A 3 -1.49 8.19 12.06
N TRP A 4 -1.80 8.92 10.99
CA TRP A 4 -2.27 10.29 11.13
C TRP A 4 -3.68 10.47 10.56
N SER A 5 -3.77 10.64 9.23
CA SER A 5 -5.06 10.82 8.57
C SER A 5 -5.68 9.49 8.21
N LEU A 6 -6.79 9.15 8.89
CA LEU A 6 -7.49 7.89 8.64
C LEU A 6 -8.24 7.94 7.31
N SER A 7 -8.63 9.15 6.90
CA SER A 7 -9.35 9.33 5.64
C SER A 7 -8.56 8.77 4.47
N CYS A 8 -8.97 7.60 3.98
CA CYS A 8 -8.30 6.96 2.86
C CYS A 8 -9.31 6.46 1.84
N ARG A 9 -8.80 5.83 0.78
CA ARG A 9 -9.66 5.31 -0.28
C ARG A 9 -10.63 4.27 0.28
N LYS A 10 -11.70 4.02 -0.46
CA LYS A 10 -12.71 3.04 -0.04
C LYS A 10 -12.30 1.63 -0.44
N GLU A 11 -11.50 1.53 -1.50
CA GLU A 11 -11.03 0.23 -2.00
C GLU A 11 -10.30 -0.53 -0.91
N GLN A 12 -10.45 -1.86 -0.92
CA GLN A 12 -9.80 -2.72 0.06
C GLN A 12 -8.29 -2.72 -0.14
N GLY A 13 -7.85 -3.16 -1.30
CA GLY A 13 -6.43 -3.22 -1.59
C GLY A 13 -5.79 -1.84 -1.60
N LYS A 14 -5.41 -1.35 -0.43
CA LYS A 14 -4.79 -0.04 -0.31
C LYS A 14 -3.93 0.04 0.95
N PHE A 15 -2.73 0.60 0.82
CA PHE A 15 -1.83 0.73 1.96
C PHE A 15 -1.53 2.20 2.25
N TYR A 16 -0.99 2.47 3.43
CA TYR A 16 -0.67 3.84 3.83
C TYR A 16 0.84 4.04 3.93
N ASP A 17 1.32 5.11 3.30
CA ASP A 17 2.74 5.41 3.31
C ASP A 17 3.02 6.61 4.23
N HIS A 18 3.72 6.34 5.34
CA HIS A 18 4.04 7.38 6.32
C HIS A 18 4.92 8.47 5.70
N LEU A 19 5.98 8.07 5.02
CA LEU A 19 6.88 9.03 4.39
C LEU A 19 6.14 9.98 3.47
N LEU A 20 4.98 9.55 2.99
CA LEU A 20 4.17 10.35 2.09
C LEU A 20 2.99 10.99 2.84
N ARG A 21 2.59 10.36 3.94
CA ARG A 21 1.47 10.85 4.73
C ARG A 21 0.15 10.72 3.99
N ASP A 22 0.17 9.93 2.90
CA ASP A 22 -1.03 9.72 2.10
C ASP A 22 -1.35 8.24 1.99
N CYS A 23 -2.47 7.91 1.36
CA CYS A 23 -2.89 6.53 1.19
C CYS A 23 -2.61 6.07 -0.24
N ILE A 24 -1.56 5.28 -0.41
CA ILE A 24 -1.17 4.78 -1.72
C ILE A 24 -1.69 3.35 -1.95
N SER A 25 -1.84 2.99 -3.22
CA SER A 25 -2.33 1.67 -3.59
C SER A 25 -1.16 0.71 -3.82
N CYS A 26 -1.44 -0.59 -3.81
CA CYS A 26 -0.41 -1.59 -4.02
C CYS A 26 -0.54 -2.23 -5.40
N ALA A 27 -1.77 -2.35 -5.88
CA ALA A 27 -2.02 -2.94 -7.19
C ALA A 27 -1.58 -2.01 -8.31
N SER A 28 -1.53 -0.71 -8.02
CA SER A 28 -1.12 0.28 -9.01
C SER A 28 0.40 0.38 -9.11
N ILE A 29 1.10 -0.07 -8.07
CA ILE A 29 2.56 -0.02 -8.07
C ILE A 29 3.17 -1.42 -8.10
N CYS A 30 2.44 -2.38 -8.64
CA CYS A 30 2.94 -3.75 -8.72
C CYS A 30 4.17 -3.83 -9.64
N GLY A 31 5.30 -4.20 -9.06
CA GLY A 31 6.53 -4.30 -9.82
C GLY A 31 7.60 -3.36 -9.32
N GLN A 32 7.18 -2.24 -8.74
CA GLN A 32 8.11 -1.25 -8.21
C GLN A 32 7.53 -0.60 -6.96
N HIS A 33 7.20 -1.43 -5.96
CA HIS A 33 6.62 -0.93 -4.72
C HIS A 33 7.46 -1.40 -3.52
N PRO A 34 7.33 -0.71 -2.37
CA PRO A 34 8.06 -1.06 -1.15
C PRO A 34 7.67 -2.43 -0.62
N LYS A 35 8.25 -2.81 0.53
CA LYS A 35 7.96 -4.09 1.15
C LYS A 35 6.50 -4.18 1.57
N GLN A 36 5.91 -3.03 1.89
CA GLN A 36 4.50 -2.99 2.32
C GLN A 36 3.59 -3.60 1.26
N CYS A 37 3.90 -3.36 0.00
CA CYS A 37 3.10 -3.88 -1.10
C CYS A 37 3.73 -5.15 -1.68
N ALA A 38 4.48 -5.87 -0.85
CA ALA A 38 5.13 -7.11 -1.28
C ALA A 38 4.14 -8.27 -1.31
N TYR A 39 3.06 -8.15 -0.57
CA TYR A 39 2.04 -9.19 -0.52
C TYR A 39 1.23 -9.25 -1.81
N PHE A 40 1.19 -8.14 -2.53
CA PHE A 40 0.46 -8.07 -3.79
C PHE A 40 1.25 -8.69 -4.93
N CYS A 41 2.32 -8.01 -5.34
CA CYS A 41 3.17 -8.49 -6.43
C CYS A 41 4.65 -8.41 -6.03
N GLU A 42 5.19 -9.52 -5.55
CA GLU A 42 6.59 -9.57 -5.14
C GLU A 42 7.05 -11.01 -4.96
N ASN A 43 8.27 -11.18 -4.44
CA ASN A 43 8.83 -12.50 -4.21
C ASN A 43 7.85 -13.40 -3.46
N LYS A 44 7.01 -12.78 -2.63
CA LYS A 44 6.03 -13.52 -1.85
C LYS A 44 4.62 -12.98 -2.10
N LEU A 45 3.70 -13.88 -2.47
CA LEU A 45 2.32 -13.49 -2.73
C LEU A 45 1.40 -14.69 -2.62
N ARG A 46 0.10 -14.41 -2.50
CA ARG A 46 -0.90 -15.48 -2.38
C ARG A 46 -1.84 -15.47 -3.58
N GLY A 1 6.95 -0.26 7.74
CA GLY A 1 5.75 -0.11 8.62
C GLY A 1 5.44 1.33 8.93
N SER A 2 4.22 1.76 8.59
CA SER A 2 3.79 3.13 8.84
C SER A 2 3.01 3.23 10.14
N PRO A 3 3.26 4.27 10.95
CA PRO A 3 2.56 4.48 12.23
C PRO A 3 1.05 4.48 12.06
N TRP A 4 0.56 5.35 11.19
CA TRP A 4 -0.87 5.46 10.93
C TRP A 4 -1.42 4.17 10.35
N SER A 5 -2.72 4.15 10.10
CA SER A 5 -3.37 2.97 9.54
C SER A 5 -4.86 3.23 9.30
N LEU A 6 -5.48 4.00 10.19
CA LEU A 6 -6.89 4.32 10.07
C LEU A 6 -7.12 5.50 9.14
N SER A 7 -6.06 6.00 8.52
CA SER A 7 -6.16 7.13 7.60
C SER A 7 -6.28 6.65 6.16
N CYS A 8 -7.02 5.57 5.96
CA CYS A 8 -7.21 5.01 4.62
C CYS A 8 -8.69 4.77 4.35
N ARG A 9 -9.07 4.82 3.07
CA ARG A 9 -10.46 4.62 2.68
C ARG A 9 -10.90 3.19 2.97
N LYS A 10 -12.20 2.93 2.87
CA LYS A 10 -12.74 1.61 3.11
C LYS A 10 -12.11 0.56 2.19
N GLU A 11 -11.55 1.02 1.08
CA GLU A 11 -10.91 0.12 0.12
C GLU A 11 -9.90 -0.79 0.81
N GLN A 12 -10.18 -2.09 0.80
CA GLN A 12 -9.29 -3.06 1.42
C GLN A 12 -7.96 -3.14 0.67
N GLY A 13 -8.02 -3.05 -0.65
CA GLY A 13 -6.82 -3.10 -1.46
C GLY A 13 -6.08 -1.78 -1.48
N LYS A 14 -5.64 -1.32 -0.32
CA LYS A 14 -4.92 -0.05 -0.21
C LYS A 14 -4.08 -0.01 1.06
N PHE A 15 -2.94 0.65 0.99
CA PHE A 15 -2.05 0.76 2.14
C PHE A 15 -1.69 2.22 2.41
N TYR A 16 -1.07 2.48 3.57
CA TYR A 16 -0.67 3.83 3.93
C TYR A 16 0.85 3.97 3.90
N ASP A 17 1.31 5.06 3.28
CA ASP A 17 2.75 5.32 3.19
C ASP A 17 3.15 6.45 4.13
N HIS A 18 4.32 6.32 4.75
CA HIS A 18 4.80 7.33 5.69
C HIS A 18 5.47 8.50 4.97
N LEU A 19 6.43 8.19 4.09
CA LEU A 19 7.13 9.22 3.35
C LEU A 19 6.17 10.04 2.48
N LEU A 20 4.98 9.49 2.24
CA LEU A 20 3.98 10.18 1.43
C LEU A 20 2.91 10.82 2.32
N ARG A 21 2.70 10.22 3.49
CA ARG A 21 1.71 10.74 4.44
C ARG A 21 0.30 10.61 3.86
N ASP A 22 0.15 9.75 2.86
CA ASP A 22 -1.15 9.53 2.24
C ASP A 22 -1.45 8.04 2.12
N CYS A 23 -2.61 7.72 1.56
CA CYS A 23 -3.00 6.33 1.38
C CYS A 23 -2.84 5.90 -0.07
N ILE A 24 -1.86 5.04 -0.32
CA ILE A 24 -1.58 4.57 -1.67
C ILE A 24 -2.02 3.11 -1.85
N SER A 25 -2.19 2.71 -3.10
CA SER A 25 -2.61 1.34 -3.41
C SER A 25 -1.40 0.47 -3.70
N CYS A 26 -1.61 -0.84 -3.74
CA CYS A 26 -0.53 -1.78 -4.01
C CYS A 26 -0.59 -2.32 -5.43
N ALA A 27 -1.79 -2.35 -6.00
CA ALA A 27 -1.98 -2.84 -7.36
C ALA A 27 -1.50 -1.84 -8.39
N SER A 28 -1.44 -0.56 -8.00
CA SER A 28 -0.99 0.49 -8.88
C SER A 28 0.53 0.64 -8.86
N ILE A 29 1.16 0.19 -7.78
CA ILE A 29 2.60 0.28 -7.64
C ILE A 29 3.27 -1.09 -7.79
N CYS A 30 2.60 -2.02 -8.46
CA CYS A 30 3.14 -3.36 -8.66
C CYS A 30 4.38 -3.31 -9.55
N GLY A 31 5.52 -3.71 -8.99
CA GLY A 31 6.76 -3.71 -9.74
C GLY A 31 7.85 -2.91 -9.04
N GLN A 32 7.45 -1.80 -8.42
CA GLN A 32 8.40 -0.95 -7.71
C GLN A 32 7.77 -0.39 -6.44
N HIS A 33 7.34 -1.28 -5.56
CA HIS A 33 6.72 -0.87 -4.30
C HIS A 33 7.49 -1.42 -3.11
N PRO A 34 7.30 -0.81 -1.92
CA PRO A 34 7.98 -1.25 -0.70
C PRO A 34 7.53 -2.63 -0.25
N LYS A 35 8.16 -3.15 0.82
CA LYS A 35 7.81 -4.46 1.34
C LYS A 35 6.33 -4.52 1.74
N GLN A 36 5.76 -3.37 2.10
CA GLN A 36 4.37 -3.31 2.50
C GLN A 36 3.46 -3.85 1.42
N CYS A 37 3.74 -3.50 0.17
CA CYS A 37 2.96 -3.96 -0.97
C CYS A 37 3.58 -5.19 -1.60
N ALA A 38 4.35 -5.94 -0.81
CA ALA A 38 5.01 -7.15 -1.30
C ALA A 38 4.02 -8.31 -1.41
N TYR A 39 2.88 -8.18 -0.74
CA TYR A 39 1.85 -9.22 -0.76
C TYR A 39 1.05 -9.18 -2.07
N PHE A 40 1.34 -8.21 -2.93
CA PHE A 40 0.64 -8.08 -4.19
C PHE A 40 1.50 -8.59 -5.35
N CYS A 41 2.57 -7.85 -5.65
CA CYS A 41 3.48 -8.22 -6.73
C CYS A 41 4.93 -8.09 -6.27
N GLU A 42 5.44 -9.13 -5.63
CA GLU A 42 6.82 -9.12 -5.14
C GLU A 42 7.43 -10.51 -5.21
N ASN A 43 8.64 -10.64 -4.67
CA ASN A 43 9.35 -11.92 -4.65
C ASN A 43 8.65 -12.92 -3.74
N LYS A 44 7.54 -13.48 -4.23
CA LYS A 44 6.78 -14.46 -3.46
C LYS A 44 5.78 -15.20 -4.34
N LEU A 45 5.10 -14.48 -5.21
CA LEU A 45 4.12 -15.07 -6.10
C LEU A 45 4.78 -16.04 -7.08
N ARG A 46 4.12 -17.17 -7.32
CA ARG A 46 4.65 -18.19 -8.23
C ARG A 46 3.51 -19.00 -8.85
N GLY A 1 0.01 -2.19 5.71
CA GLY A 1 0.06 -1.65 7.10
C GLY A 1 -0.22 -0.16 7.16
N SER A 2 -1.48 0.19 7.33
CA SER A 2 -1.89 1.58 7.42
C SER A 2 -1.90 2.07 8.87
N PRO A 3 -0.86 2.82 9.29
CA PRO A 3 -0.77 3.33 10.66
C PRO A 3 -1.95 4.22 11.03
N TRP A 4 -2.19 5.23 10.21
CA TRP A 4 -3.30 6.15 10.46
C TRP A 4 -4.40 5.97 9.41
N SER A 5 -5.54 5.45 9.85
CA SER A 5 -6.67 5.22 8.96
C SER A 5 -7.70 6.34 9.08
N LEU A 6 -7.22 7.57 9.26
CA LEU A 6 -8.09 8.71 9.40
C LEU A 6 -8.08 9.57 8.13
N SER A 7 -7.01 9.46 7.35
CA SER A 7 -6.88 10.22 6.12
C SER A 7 -7.80 9.67 5.02
N CYS A 8 -7.41 8.53 4.45
CA CYS A 8 -8.19 7.91 3.39
C CYS A 8 -7.92 6.41 3.33
N ARG A 9 -8.99 5.63 3.19
CA ARG A 9 -8.88 4.18 3.11
C ARG A 9 -9.39 3.66 1.77
N LYS A 10 -8.49 3.45 0.83
CA LYS A 10 -8.85 2.96 -0.50
C LYS A 10 -9.51 1.60 -0.41
N GLU A 11 -8.79 0.62 0.15
CA GLU A 11 -9.31 -0.73 0.29
C GLU A 11 -8.33 -1.61 1.05
N GLN A 12 -8.74 -2.84 1.33
CA GLN A 12 -7.89 -3.80 2.05
C GLN A 12 -6.59 -4.03 1.31
N GLY A 13 -6.62 -3.88 -0.01
CA GLY A 13 -5.43 -4.08 -0.81
C GLY A 13 -4.65 -2.81 -1.04
N LYS A 14 -4.48 -2.02 0.02
CA LYS A 14 -3.76 -0.77 -0.05
C LYS A 14 -2.98 -0.49 1.24
N PHE A 15 -2.18 0.56 1.23
CA PHE A 15 -1.39 0.93 2.40
C PHE A 15 -1.30 2.45 2.56
N TYR A 16 -0.82 2.89 3.72
CA TYR A 16 -0.67 4.31 4.00
C TYR A 16 0.79 4.65 4.23
N ASP A 17 1.31 5.62 3.48
CA ASP A 17 2.69 6.04 3.62
C ASP A 17 2.80 7.25 4.55
N HIS A 18 3.65 7.13 5.57
CA HIS A 18 3.84 8.20 6.54
C HIS A 18 4.60 9.37 5.94
N LEU A 19 5.72 9.08 5.28
CA LEU A 19 6.54 10.12 4.67
C LEU A 19 5.74 10.92 3.64
N LEU A 20 4.64 10.33 3.17
CA LEU A 20 3.78 11.00 2.18
C LEU A 20 2.50 11.51 2.84
N ARG A 21 2.12 10.88 3.94
CA ARG A 21 0.91 11.25 4.66
C ARG A 21 -0.34 11.01 3.81
N ASP A 22 -0.19 10.19 2.76
CA ASP A 22 -1.31 9.88 1.89
C ASP A 22 -1.58 8.38 1.87
N CYS A 23 -2.63 7.97 1.18
CA CYS A 23 -2.99 6.55 1.09
C CYS A 23 -2.59 5.99 -0.27
N ILE A 24 -1.40 5.40 -0.34
CA ILE A 24 -0.89 4.82 -1.58
C ILE A 24 -1.41 3.40 -1.77
N SER A 25 -1.60 3.02 -3.03
CA SER A 25 -2.09 1.69 -3.37
C SER A 25 -0.95 0.79 -3.83
N CYS A 26 -1.23 -0.51 -3.93
CA CYS A 26 -0.22 -1.48 -4.35
C CYS A 26 -0.42 -1.86 -5.82
N ALA A 27 -1.67 -2.11 -6.20
CA ALA A 27 -1.99 -2.48 -7.57
C ALA A 27 -1.44 -1.48 -8.57
N SER A 28 -1.26 -0.24 -8.12
CA SER A 28 -0.74 0.82 -8.98
C SER A 28 0.78 0.77 -9.07
N ILE A 29 1.42 0.18 -8.05
CA ILE A 29 2.87 0.09 -8.01
C ILE A 29 3.34 -1.36 -8.14
N CYS A 30 2.48 -2.22 -8.68
CA CYS A 30 2.83 -3.63 -8.85
C CYS A 30 4.06 -3.80 -9.73
N GLY A 31 5.13 -4.34 -9.16
CA GLY A 31 6.36 -4.54 -9.90
C GLY A 31 7.52 -3.75 -9.31
N GLN A 32 7.22 -2.57 -8.78
CA GLN A 32 8.23 -1.71 -8.19
C GLN A 32 7.72 -1.08 -6.90
N HIS A 33 7.31 -1.91 -5.95
CA HIS A 33 6.79 -1.42 -4.68
C HIS A 33 7.52 -2.05 -3.50
N PRO A 34 7.53 -1.38 -2.33
CA PRO A 34 8.19 -1.89 -1.14
C PRO A 34 7.56 -3.19 -0.63
N LYS A 35 8.16 -3.77 0.40
CA LYS A 35 7.64 -5.01 0.98
C LYS A 35 6.19 -4.84 1.44
N GLN A 36 5.82 -3.60 1.75
CA GLN A 36 4.46 -3.32 2.20
C GLN A 36 3.43 -3.70 1.15
N CYS A 37 3.89 -3.87 -0.09
CA CYS A 37 3.02 -4.26 -1.19
C CYS A 37 3.49 -5.55 -1.85
N ALA A 38 4.34 -6.29 -1.15
CA ALA A 38 4.87 -7.54 -1.67
C ALA A 38 3.80 -8.63 -1.71
N TYR A 39 2.74 -8.44 -0.94
CA TYR A 39 1.64 -9.41 -0.90
C TYR A 39 0.74 -9.31 -2.12
N PHE A 40 0.88 -8.22 -2.88
CA PHE A 40 0.05 -8.01 -4.07
C PHE A 40 0.72 -8.62 -5.30
N CYS A 41 1.83 -8.03 -5.72
CA CYS A 41 2.57 -8.52 -6.88
C CYS A 41 4.05 -8.71 -6.56
N GLU A 42 4.38 -9.83 -5.93
CA GLU A 42 5.76 -10.11 -5.56
C GLU A 42 5.94 -11.58 -5.17
N ASN A 43 7.13 -11.90 -4.68
CA ASN A 43 7.46 -13.27 -4.26
C ASN A 43 6.40 -13.80 -3.29
N LYS A 44 5.78 -12.91 -2.53
CA LYS A 44 4.76 -13.31 -1.57
C LYS A 44 3.46 -13.68 -2.27
N LEU A 45 3.22 -13.10 -3.43
CA LEU A 45 2.02 -13.37 -4.20
C LEU A 45 2.26 -13.18 -5.69
N ARG A 46 2.42 -14.30 -6.40
CA ARG A 46 2.65 -14.25 -7.84
C ARG A 46 1.47 -14.82 -8.61
N GLY A 1 -0.97 4.06 12.42
CA GLY A 1 -2.34 3.80 11.90
C GLY A 1 -2.77 4.82 10.87
N SER A 2 -3.57 5.79 11.30
CA SER A 2 -4.06 6.83 10.40
C SER A 2 -3.78 8.22 10.98
N PRO A 3 -2.55 8.72 10.81
CA PRO A 3 -2.15 10.04 11.33
C PRO A 3 -2.96 11.16 10.69
N TRP A 4 -2.79 11.36 9.39
CA TRP A 4 -3.51 12.40 8.67
C TRP A 4 -4.68 11.82 7.87
N SER A 5 -4.35 10.99 6.88
CA SER A 5 -5.37 10.37 6.05
C SER A 5 -6.24 9.42 6.87
N LEU A 6 -7.51 9.79 7.03
CA LEU A 6 -8.45 8.99 7.80
C LEU A 6 -9.41 8.25 6.86
N SER A 7 -9.65 8.81 5.69
CA SER A 7 -10.55 8.19 4.72
C SER A 7 -9.76 7.70 3.50
N CYS A 8 -10.24 6.61 2.90
CA CYS A 8 -9.60 6.03 1.72
C CYS A 8 -10.54 5.08 1.00
N ARG A 9 -10.18 4.70 -0.22
CA ARG A 9 -11.00 3.80 -1.02
C ARG A 9 -11.23 2.48 -0.29
N LYS A 10 -12.11 1.65 -0.84
CA LYS A 10 -12.42 0.36 -0.24
C LYS A 10 -11.41 -0.71 -0.64
N GLU A 11 -10.64 -0.43 -1.70
CA GLU A 11 -9.63 -1.36 -2.19
C GLU A 11 -8.73 -1.84 -1.05
N GLN A 12 -8.76 -3.15 -0.79
CA GLN A 12 -7.94 -3.74 0.27
C GLN A 12 -6.46 -3.47 0.02
N GLY A 13 -6.07 -3.45 -1.25
CA GLY A 13 -4.68 -3.21 -1.60
C GLY A 13 -4.29 -1.75 -1.46
N LYS A 14 -4.37 -1.23 -0.24
CA LYS A 14 -4.02 0.16 0.03
C LYS A 14 -3.30 0.29 1.36
N PHE A 15 -2.09 0.86 1.31
CA PHE A 15 -1.29 1.06 2.51
C PHE A 15 -1.12 2.54 2.82
N TYR A 16 -0.46 2.83 3.93
CA TYR A 16 -0.23 4.21 4.33
C TYR A 16 1.26 4.55 4.36
N ASP A 17 1.65 5.60 3.65
CA ASP A 17 3.04 6.02 3.58
C ASP A 17 3.23 7.35 4.30
N HIS A 18 3.93 7.32 5.43
CA HIS A 18 4.17 8.54 6.22
C HIS A 18 4.79 9.65 5.38
N LEU A 19 5.84 9.33 4.63
CA LEU A 19 6.51 10.32 3.79
C LEU A 19 5.53 10.97 2.82
N LEU A 20 4.42 10.30 2.54
CA LEU A 20 3.40 10.83 1.63
C LEU A 20 2.21 11.39 2.40
N ARG A 21 2.01 10.87 3.61
CA ARG A 21 0.90 11.31 4.46
C ARG A 21 -0.45 10.92 3.84
N ASP A 22 -0.43 9.98 2.92
CA ASP A 22 -1.65 9.52 2.26
C ASP A 22 -1.70 8.00 2.21
N CYS A 23 -2.79 7.46 1.67
CA CYS A 23 -2.95 6.03 1.54
C CYS A 23 -2.69 5.58 0.11
N ILE A 24 -1.48 5.10 -0.13
CA ILE A 24 -1.08 4.66 -1.47
C ILE A 24 -1.53 3.22 -1.72
N SER A 25 -1.86 2.93 -2.98
CA SER A 25 -2.30 1.59 -3.36
C SER A 25 -1.10 0.69 -3.68
N CYS A 26 -1.37 -0.61 -3.81
CA CYS A 26 -0.31 -1.57 -4.11
C CYS A 26 -0.36 -1.98 -5.57
N ALA A 27 -1.56 -2.26 -6.08
CA ALA A 27 -1.74 -2.67 -7.47
C ALA A 27 -1.19 -1.62 -8.43
N SER A 28 -1.32 -0.35 -8.05
CA SER A 28 -0.84 0.75 -8.88
C SER A 28 0.69 0.81 -8.90
N ILE A 29 1.33 0.13 -7.94
CA ILE A 29 2.79 0.11 -7.86
C ILE A 29 3.35 -1.30 -7.96
N CYS A 30 2.58 -2.20 -8.57
CA CYS A 30 3.03 -3.58 -8.73
C CYS A 30 4.31 -3.66 -9.54
N GLY A 31 5.38 -4.13 -8.91
CA GLY A 31 6.66 -4.24 -9.59
C GLY A 31 7.69 -3.28 -9.03
N GLN A 32 7.21 -2.16 -8.48
CA GLN A 32 8.11 -1.15 -7.90
C GLN A 32 7.54 -0.62 -6.60
N HIS A 33 7.10 -1.53 -5.73
CA HIS A 33 6.53 -1.16 -4.44
C HIS A 33 7.31 -1.79 -3.30
N PRO A 34 7.19 -1.23 -2.08
CA PRO A 34 7.90 -1.75 -0.90
C PRO A 34 7.46 -3.16 -0.55
N LYS A 35 8.17 -3.78 0.39
CA LYS A 35 7.85 -5.14 0.81
C LYS A 35 6.42 -5.26 1.31
N GLN A 36 5.86 -4.14 1.77
CA GLN A 36 4.49 -4.12 2.27
C GLN A 36 3.50 -4.53 1.19
N CYS A 37 3.78 -4.14 -0.04
CA CYS A 37 2.92 -4.47 -1.17
C CYS A 37 3.37 -5.75 -1.86
N ALA A 38 4.04 -6.63 -1.11
CA ALA A 38 4.54 -7.87 -1.66
C ALA A 38 3.41 -8.88 -1.84
N TYR A 39 2.40 -8.79 -0.98
CA TYR A 39 1.26 -9.70 -1.03
C TYR A 39 0.48 -9.54 -2.34
N PHE A 40 0.72 -8.43 -3.04
CA PHE A 40 0.03 -8.16 -4.30
C PHE A 40 0.84 -8.72 -5.48
N CYS A 41 1.99 -8.11 -5.75
CA CYS A 41 2.85 -8.55 -6.84
C CYS A 41 4.30 -8.65 -6.39
N GLU A 42 4.72 -9.84 -6.00
CA GLU A 42 6.09 -10.06 -5.54
C GLU A 42 6.44 -11.54 -5.50
N ASN A 43 7.62 -11.84 -4.96
CA ASN A 43 8.09 -13.22 -4.86
C ASN A 43 7.11 -14.08 -4.05
N LYS A 44 6.31 -13.43 -3.21
CA LYS A 44 5.33 -14.16 -2.40
C LYS A 44 3.97 -14.20 -3.07
N LEU A 45 3.97 -14.34 -4.41
CA LEU A 45 2.73 -14.40 -5.17
C LEU A 45 3.02 -14.58 -6.66
N ARG A 46 3.98 -15.46 -6.97
CA ARG A 46 4.34 -15.72 -8.36
C ARG A 46 4.23 -17.21 -8.67
N GLY A 1 -1.70 6.49 15.85
CA GLY A 1 -1.46 5.55 14.73
C GLY A 1 -0.98 6.25 13.48
N SER A 2 -1.82 7.11 12.92
CA SER A 2 -1.48 7.86 11.71
C SER A 2 -1.27 9.34 12.02
N PRO A 3 -0.11 9.91 11.61
CA PRO A 3 0.18 11.32 11.86
C PRO A 3 -0.85 12.26 11.23
N TRP A 4 -0.79 12.40 9.90
CA TRP A 4 -1.72 13.28 9.20
C TRP A 4 -2.72 12.45 8.39
N SER A 5 -3.78 12.00 9.05
CA SER A 5 -4.81 11.20 8.39
C SER A 5 -6.02 11.03 9.29
N LEU A 6 -7.22 11.17 8.71
CA LEU A 6 -8.46 11.02 9.45
C LEU A 6 -9.11 9.67 9.17
N SER A 7 -9.35 9.39 7.89
CA SER A 7 -9.97 8.13 7.49
C SER A 7 -10.10 8.05 5.98
N CYS A 8 -9.14 7.38 5.34
CA CYS A 8 -9.14 7.22 3.89
C CYS A 8 -9.55 5.80 3.49
N ARG A 9 -10.69 5.68 2.83
CA ARG A 9 -11.18 4.39 2.38
C ARG A 9 -11.30 4.35 0.86
N LYS A 10 -10.26 3.83 0.21
CA LYS A 10 -10.25 3.73 -1.24
C LYS A 10 -10.72 2.36 -1.70
N GLU A 11 -10.04 1.32 -1.24
CA GLU A 11 -10.39 -0.05 -1.60
C GLU A 11 -9.82 -1.04 -0.58
N GLN A 12 -9.82 -2.32 -0.94
CA GLN A 12 -9.31 -3.37 -0.06
C GLN A 12 -7.78 -3.42 -0.09
N GLY A 13 -7.21 -3.28 -1.28
CA GLY A 13 -5.76 -3.33 -1.42
C GLY A 13 -5.13 -1.95 -1.44
N LYS A 14 -5.07 -1.30 -0.29
CA LYS A 14 -4.50 0.04 -0.19
C LYS A 14 -3.68 0.17 1.09
N PHE A 15 -2.84 1.20 1.15
CA PHE A 15 -2.01 1.43 2.33
C PHE A 15 -1.72 2.92 2.50
N TYR A 16 -1.05 3.26 3.60
CA TYR A 16 -0.70 4.65 3.89
C TYR A 16 0.81 4.83 3.94
N ASP A 17 1.28 5.92 3.35
CA ASP A 17 2.71 6.22 3.33
C ASP A 17 3.01 7.46 4.17
N HIS A 18 4.01 7.35 5.05
CA HIS A 18 4.39 8.45 5.92
C HIS A 18 5.02 9.59 5.14
N LEU A 19 6.13 9.31 4.45
CA LEU A 19 6.82 10.32 3.66
C LEU A 19 5.85 11.10 2.77
N LEU A 20 4.76 10.46 2.39
CA LEU A 20 3.76 11.08 1.55
C LEU A 20 2.61 11.65 2.39
N ARG A 21 2.39 11.03 3.55
CA ARG A 21 1.33 11.47 4.46
C ARG A 21 -0.05 11.26 3.83
N ASP A 22 -0.11 10.44 2.79
CA ASP A 22 -1.36 10.16 2.11
C ASP A 22 -1.66 8.67 2.08
N CYS A 23 -2.78 8.31 1.45
CA CYS A 23 -3.17 6.90 1.34
C CYS A 23 -2.92 6.40 -0.08
N ILE A 24 -1.82 5.66 -0.25
CA ILE A 24 -1.45 5.12 -1.55
C ILE A 24 -1.96 3.69 -1.71
N SER A 25 -2.07 3.23 -2.95
CA SER A 25 -2.54 1.89 -3.25
C SER A 25 -1.37 0.93 -3.42
N CYS A 26 -1.66 -0.37 -3.29
CA CYS A 26 -0.64 -1.40 -3.44
C CYS A 26 -0.84 -2.23 -4.71
N ALA A 27 -1.86 -1.86 -5.49
CA ALA A 27 -2.15 -2.58 -6.73
C ALA A 27 -1.59 -1.84 -7.94
N SER A 28 -1.54 -0.52 -7.85
CA SER A 28 -1.03 0.31 -8.94
C SER A 28 0.49 0.44 -8.86
N ILE A 29 1.06 0.08 -7.72
CA ILE A 29 2.51 0.18 -7.53
C ILE A 29 3.20 -1.15 -7.81
N CYS A 30 2.59 -1.98 -8.66
CA CYS A 30 3.16 -3.27 -9.02
C CYS A 30 4.52 -3.09 -9.68
N GLY A 31 5.51 -3.85 -9.22
CA GLY A 31 6.83 -3.75 -9.77
C GLY A 31 7.75 -2.85 -8.95
N GLN A 32 7.15 -1.91 -8.23
CA GLN A 32 7.91 -0.98 -7.40
C GLN A 32 7.23 -0.77 -6.04
N HIS A 33 6.71 -1.84 -5.47
CA HIS A 33 6.04 -1.77 -4.17
C HIS A 33 6.96 -2.25 -3.05
N PRO A 34 6.68 -1.83 -1.80
CA PRO A 34 7.50 -2.22 -0.65
C PRO A 34 7.42 -3.72 -0.36
N LYS A 35 8.17 -4.17 0.63
CA LYS A 35 8.18 -5.58 1.00
C LYS A 35 6.86 -5.99 1.64
N GLN A 36 6.22 -5.05 2.33
CA GLN A 36 4.94 -5.31 2.98
C GLN A 36 3.90 -5.76 1.98
N CYS A 37 3.88 -5.10 0.82
CA CYS A 37 2.93 -5.43 -0.23
C CYS A 37 3.57 -6.27 -1.32
N ALA A 38 4.60 -7.03 -0.94
CA ALA A 38 5.32 -7.89 -1.88
C ALA A 38 4.44 -9.06 -2.33
N TYR A 39 3.36 -9.31 -1.60
CA TYR A 39 2.45 -10.39 -1.92
C TYR A 39 1.54 -10.02 -3.10
N PHE A 40 1.71 -8.80 -3.62
CA PHE A 40 0.89 -8.34 -4.74
C PHE A 40 1.56 -8.61 -6.08
N CYS A 41 2.77 -8.07 -6.26
CA CYS A 41 3.49 -8.25 -7.51
C CYS A 41 4.98 -8.51 -7.28
N GLU A 42 5.30 -9.26 -6.24
CA GLU A 42 6.70 -9.58 -5.92
C GLU A 42 6.95 -11.08 -6.00
N ASN A 43 8.14 -11.50 -5.57
CA ASN A 43 8.52 -12.91 -5.60
C ASN A 43 7.36 -13.82 -5.18
N LYS A 44 6.57 -13.34 -4.22
CA LYS A 44 5.43 -14.11 -3.73
C LYS A 44 4.12 -13.50 -4.21
N LEU A 45 3.02 -14.22 -3.99
CA LEU A 45 1.70 -13.74 -4.40
C LEU A 45 0.60 -14.69 -3.95
N ARG A 46 0.89 -16.00 -3.98
CA ARG A 46 -0.08 -17.00 -3.57
C ARG A 46 0.38 -17.71 -2.31
N GLY A 1 1.45 -2.34 8.36
CA GLY A 1 1.12 -1.18 9.23
C GLY A 1 -0.05 -0.38 8.70
N SER A 2 -0.78 0.27 9.61
CA SER A 2 -1.94 1.08 9.22
C SER A 2 -2.26 2.11 10.30
N PRO A 3 -1.29 2.99 10.63
CA PRO A 3 -1.48 4.03 11.64
C PRO A 3 -2.67 4.95 11.33
N TRP A 4 -2.50 5.80 10.32
CA TRP A 4 -3.56 6.73 9.93
C TRP A 4 -4.49 6.09 8.90
N SER A 5 -5.64 5.63 9.36
CA SER A 5 -6.62 5.00 8.46
C SER A 5 -7.91 5.81 8.40
N LEU A 6 -7.76 7.14 8.34
CA LEU A 6 -8.91 8.03 8.28
C LEU A 6 -9.07 8.61 6.88
N SER A 7 -7.96 8.75 6.17
CA SER A 7 -7.98 9.29 4.81
C SER A 7 -7.60 8.22 3.79
N CYS A 8 -8.59 7.43 3.37
CA CYS A 8 -8.35 6.37 2.40
C CYS A 8 -9.64 6.03 1.65
N ARG A 9 -9.49 5.54 0.42
CA ARG A 9 -10.64 5.17 -0.40
C ARG A 9 -11.33 3.93 0.16
N LYS A 10 -12.54 3.65 -0.34
CA LYS A 10 -13.30 2.50 0.10
C LYS A 10 -12.67 1.20 -0.40
N GLU A 11 -11.81 1.31 -1.40
CA GLU A 11 -11.13 0.13 -1.96
C GLU A 11 -10.47 -0.69 -0.86
N GLN A 12 -10.28 -1.98 -1.14
CA GLN A 12 -9.66 -2.88 -0.17
C GLN A 12 -8.14 -2.88 -0.32
N GLY A 13 -7.68 -2.77 -1.56
CA GLY A 13 -6.25 -2.76 -1.82
C GLY A 13 -5.65 -1.37 -1.72
N LYS A 14 -5.69 -0.78 -0.52
CA LYS A 14 -5.14 0.55 -0.31
C LYS A 14 -4.49 0.65 1.06
N PHE A 15 -3.35 1.33 1.12
CA PHE A 15 -2.62 1.50 2.38
C PHE A 15 -2.24 2.96 2.59
N TYR A 16 -1.69 3.25 3.76
CA TYR A 16 -1.27 4.60 4.10
C TYR A 16 0.25 4.67 4.28
N ASP A 17 0.91 5.45 3.43
CA ASP A 17 2.36 5.60 3.51
C ASP A 17 2.74 6.80 4.35
N HIS A 18 3.44 6.54 5.46
CA HIS A 18 3.86 7.61 6.37
C HIS A 18 4.80 8.59 5.67
N LEU A 19 5.80 8.06 4.99
CA LEU A 19 6.77 8.88 4.28
C LEU A 19 6.09 9.81 3.28
N LEU A 20 4.88 9.44 2.86
CA LEU A 20 4.13 10.25 1.90
C LEU A 20 3.02 11.02 2.58
N ARG A 21 2.54 10.51 3.71
CA ARG A 21 1.47 11.16 4.46
C ARG A 21 0.13 11.02 3.73
N ASP A 22 0.11 10.18 2.68
CA ASP A 22 -1.10 9.96 1.92
C ASP A 22 -1.47 8.49 1.89
N CYS A 23 -2.55 8.16 1.19
CA CYS A 23 -3.00 6.77 1.08
C CYS A 23 -2.64 6.19 -0.28
N ILE A 24 -1.65 5.31 -0.30
CA ILE A 24 -1.19 4.69 -1.53
C ILE A 24 -1.66 3.23 -1.62
N SER A 25 -1.81 2.75 -2.85
CA SER A 25 -2.24 1.37 -3.09
C SER A 25 -1.04 0.49 -3.44
N CYS A 26 -1.25 -0.82 -3.40
CA CYS A 26 -0.19 -1.77 -3.73
C CYS A 26 -0.31 -2.25 -5.16
N ALA A 27 -1.54 -2.49 -5.60
CA ALA A 27 -1.79 -2.95 -6.96
C ALA A 27 -1.35 -1.92 -7.99
N SER A 28 -1.55 -0.65 -7.66
CA SER A 28 -1.17 0.45 -8.55
C SER A 28 0.35 0.58 -8.67
N ILE A 29 1.08 -0.11 -7.80
CA ILE A 29 2.54 -0.05 -7.81
C ILE A 29 3.16 -1.43 -7.93
N CYS A 30 2.41 -2.38 -8.47
CA CYS A 30 2.91 -3.74 -8.63
C CYS A 30 4.11 -3.78 -9.58
N GLY A 31 5.26 -4.21 -9.05
CA GLY A 31 6.46 -4.28 -9.84
C GLY A 31 7.56 -3.38 -9.31
N GLN A 32 7.16 -2.20 -8.82
CA GLN A 32 8.11 -1.25 -8.26
C GLN A 32 7.55 -0.62 -6.98
N HIS A 33 7.24 -1.47 -6.01
CA HIS A 33 6.68 -1.01 -4.75
C HIS A 33 7.55 -1.46 -3.57
N PRO A 34 7.35 -0.84 -2.39
CA PRO A 34 8.11 -1.19 -1.18
C PRO A 34 7.98 -2.67 -0.83
N LYS A 35 8.59 -3.06 0.29
CA LYS A 35 8.54 -4.45 0.74
C LYS A 35 7.18 -4.78 1.34
N GLN A 36 6.42 -3.75 1.69
CA GLN A 36 5.10 -3.94 2.28
C GLN A 36 4.09 -4.41 1.24
N CYS A 37 4.29 -3.99 0.00
CA CYS A 37 3.41 -4.36 -1.10
C CYS A 37 3.93 -5.59 -1.83
N ALA A 38 4.73 -6.39 -1.14
CA ALA A 38 5.29 -7.61 -1.72
C ALA A 38 4.24 -8.72 -1.79
N TYR A 39 3.25 -8.64 -0.92
CA TYR A 39 2.19 -9.65 -0.88
C TYR A 39 1.31 -9.57 -2.12
N PHE A 40 1.35 -8.43 -2.81
CA PHE A 40 0.54 -8.23 -4.01
C PHE A 40 1.28 -8.73 -5.25
N CYS A 41 2.48 -8.18 -5.48
CA CYS A 41 3.29 -8.58 -6.62
C CYS A 41 4.78 -8.46 -6.29
N GLU A 42 5.40 -9.59 -6.00
CA GLU A 42 6.83 -9.61 -5.66
C GLU A 42 7.40 -11.02 -5.74
N ASN A 43 8.65 -11.18 -5.31
CA ASN A 43 9.33 -12.46 -5.33
C ASN A 43 8.45 -13.56 -4.73
N LYS A 44 7.73 -13.23 -3.66
CA LYS A 44 6.86 -14.19 -2.99
C LYS A 44 5.39 -13.85 -3.26
N LEU A 45 4.64 -14.84 -3.70
CA LEU A 45 3.21 -14.66 -3.99
C LEU A 45 2.49 -16.00 -4.06
N ARG A 46 1.45 -16.14 -3.25
CA ARG A 46 0.66 -17.38 -3.22
C ARG A 46 -0.63 -17.22 -4.01
N GLY A 1 -1.16 14.75 16.64
CA GLY A 1 -1.83 15.02 15.34
C GLY A 1 -2.01 13.76 14.51
N SER A 2 -3.21 13.17 14.58
CA SER A 2 -3.51 11.95 13.84
C SER A 2 -3.29 12.15 12.35
N PRO A 3 -2.22 11.55 11.79
CA PRO A 3 -1.91 11.67 10.36
C PRO A 3 -2.96 11.01 9.47
N TRP A 4 -3.52 9.90 9.94
CA TRP A 4 -4.54 9.18 9.18
C TRP A 4 -5.76 8.88 10.05
N SER A 5 -6.94 9.10 9.49
CA SER A 5 -8.18 8.84 10.21
C SER A 5 -9.35 8.69 9.23
N LEU A 6 -10.01 9.80 8.91
CA LEU A 6 -11.14 9.77 7.99
C LEU A 6 -10.76 10.38 6.63
N SER A 7 -9.46 10.43 6.35
CA SER A 7 -8.96 10.98 5.11
C SER A 7 -9.02 9.95 3.99
N CYS A 8 -8.87 8.68 4.36
CA CYS A 8 -8.89 7.59 3.39
C CYS A 8 -9.81 6.47 3.86
N ARG A 9 -9.85 5.37 3.10
CA ARG A 9 -10.69 4.24 3.44
C ARG A 9 -9.88 3.15 4.14
N LYS A 10 -10.58 2.17 4.70
CA LYS A 10 -9.93 1.07 5.41
C LYS A 10 -9.66 -0.09 4.47
N GLU A 11 -9.86 0.11 3.17
CA GLU A 11 -9.64 -0.92 2.17
C GLU A 11 -8.22 -1.49 2.29
N GLN A 12 -8.13 -2.82 2.35
CA GLN A 12 -6.83 -3.49 2.46
C GLN A 12 -6.09 -3.48 1.12
N GLY A 13 -6.84 -3.35 0.03
CA GLY A 13 -6.23 -3.34 -1.29
C GLY A 13 -5.13 -2.30 -1.41
N LYS A 14 -5.19 -1.27 -0.57
CA LYS A 14 -4.19 -0.21 -0.60
C LYS A 14 -3.44 -0.14 0.73
N PHE A 15 -2.36 0.64 0.76
CA PHE A 15 -1.56 0.80 1.96
C PHE A 15 -1.30 2.29 2.24
N TYR A 16 -0.68 2.56 3.38
CA TYR A 16 -0.37 3.94 3.76
C TYR A 16 1.14 4.16 3.86
N ASP A 17 1.60 5.28 3.31
CA ASP A 17 3.01 5.61 3.33
C ASP A 17 3.25 6.87 4.16
N HIS A 18 3.90 6.71 5.31
CA HIS A 18 4.19 7.83 6.21
C HIS A 18 4.93 8.96 5.50
N LEU A 19 6.03 8.61 4.81
CA LEU A 19 6.82 9.60 4.11
C LEU A 19 5.98 10.42 3.13
N LEU A 20 4.85 9.85 2.71
CA LEU A 20 3.95 10.53 1.79
C LEU A 20 2.78 11.18 2.54
N ARG A 21 2.47 10.63 3.71
CA ARG A 21 1.36 11.15 4.52
C ARG A 21 0.02 10.92 3.83
N ASP A 22 0.00 10.04 2.84
CA ASP A 22 -1.23 9.73 2.11
C ASP A 22 -1.45 8.23 2.03
N CYS A 23 -2.56 7.83 1.40
CA CYS A 23 -2.87 6.42 1.24
C CYS A 23 -2.59 5.97 -0.19
N ILE A 24 -1.51 5.21 -0.35
CA ILE A 24 -1.12 4.72 -1.67
C ILE A 24 -1.59 3.27 -1.88
N SER A 25 -1.93 2.96 -3.12
CA SER A 25 -2.39 1.61 -3.47
C SER A 25 -1.20 0.67 -3.69
N CYS A 26 -1.49 -0.62 -3.77
CA CYS A 26 -0.44 -1.62 -3.98
C CYS A 26 -0.46 -2.13 -5.42
N ALA A 27 -1.65 -2.36 -5.95
CA ALA A 27 -1.80 -2.85 -7.31
C ALA A 27 -1.32 -1.82 -8.32
N SER A 28 -1.53 -0.54 -8.02
CA SER A 28 -1.12 0.53 -8.91
C SER A 28 0.40 0.68 -8.95
N ILE A 29 1.07 0.06 -7.98
CA ILE A 29 2.53 0.14 -7.91
C ILE A 29 3.17 -1.24 -8.01
N CYS A 30 2.45 -2.21 -8.57
CA CYS A 30 2.97 -3.56 -8.73
C CYS A 30 4.23 -3.55 -9.59
N GLY A 31 5.34 -3.95 -8.99
CA GLY A 31 6.60 -3.98 -9.70
C GLY A 31 7.64 -3.06 -9.09
N GLN A 32 7.16 -2.00 -8.43
CA GLN A 32 8.05 -1.03 -7.79
C GLN A 32 7.40 -0.46 -6.54
N HIS A 33 7.01 -1.34 -5.62
CA HIS A 33 6.38 -0.91 -4.37
C HIS A 33 7.15 -1.44 -3.16
N PRO A 34 6.96 -0.82 -1.99
CA PRO A 34 7.65 -1.24 -0.76
C PRO A 34 7.28 -2.67 -0.36
N LYS A 35 8.00 -3.20 0.62
CA LYS A 35 7.76 -4.56 1.10
C LYS A 35 6.30 -4.74 1.53
N GLN A 36 5.68 -3.67 1.99
CA GLN A 36 4.30 -3.71 2.43
C GLN A 36 3.38 -4.22 1.32
N CYS A 37 3.68 -3.84 0.09
CA CYS A 37 2.88 -4.26 -1.05
C CYS A 37 3.47 -5.51 -1.71
N ALA A 38 4.26 -6.26 -0.94
CA ALA A 38 4.89 -7.47 -1.44
C ALA A 38 3.88 -8.61 -1.56
N TYR A 39 2.78 -8.52 -0.80
CA TYR A 39 1.75 -9.55 -0.83
C TYR A 39 0.96 -9.50 -2.14
N PHE A 40 1.16 -8.46 -2.93
CA PHE A 40 0.46 -8.31 -4.20
C PHE A 40 1.32 -8.78 -5.36
N CYS A 41 2.39 -8.04 -5.65
CA CYS A 41 3.30 -8.39 -6.73
C CYS A 41 4.75 -8.26 -6.28
N GLU A 42 5.32 -9.36 -5.79
CA GLU A 42 6.70 -9.35 -5.32
C GLU A 42 7.31 -10.75 -5.41
N ASN A 43 8.51 -10.89 -4.84
CA ASN A 43 9.24 -12.17 -4.84
C ASN A 43 8.29 -13.36 -4.71
N LYS A 44 7.26 -13.19 -3.89
CA LYS A 44 6.28 -14.26 -3.67
C LYS A 44 5.12 -14.13 -4.65
N LEU A 45 4.84 -15.22 -5.37
CA LEU A 45 3.75 -15.24 -6.34
C LEU A 45 3.60 -16.62 -6.96
N ARG A 46 2.66 -16.75 -7.90
CA ARG A 46 2.42 -18.01 -8.58
C ARG A 46 3.68 -18.49 -9.29
N GLY A 1 -6.04 10.09 16.82
CA GLY A 1 -4.74 9.69 17.44
C GLY A 1 -3.67 9.40 16.40
N SER A 2 -4.05 8.70 15.34
CA SER A 2 -3.12 8.35 14.28
C SER A 2 -2.99 9.50 13.28
N PRO A 3 -1.86 9.54 12.54
CA PRO A 3 -1.61 10.59 11.55
C PRO A 3 -2.31 10.32 10.22
N TRP A 4 -3.06 9.22 10.15
CA TRP A 4 -3.79 8.86 8.94
C TRP A 4 -4.97 9.80 8.71
N SER A 5 -5.64 9.61 7.57
CA SER A 5 -6.79 10.44 7.23
C SER A 5 -7.81 9.64 6.45
N LEU A 6 -9.08 10.04 6.53
CA LEU A 6 -10.15 9.36 5.83
C LEU A 6 -10.47 10.04 4.50
N SER A 7 -9.51 10.83 3.99
CA SER A 7 -9.69 11.53 2.73
C SER A 7 -9.13 10.72 1.56
N CYS A 8 -9.40 9.41 1.57
CA CYS A 8 -8.92 8.53 0.52
C CYS A 8 -9.73 7.24 0.49
N ARG A 9 -9.37 6.34 -0.43
CA ARG A 9 -10.07 5.07 -0.55
C ARG A 9 -9.87 4.21 0.70
N LYS A 10 -10.96 3.74 1.27
CA LYS A 10 -10.90 2.91 2.46
C LYS A 10 -10.80 1.42 2.11
N GLU A 11 -10.60 1.14 0.82
CA GLU A 11 -10.48 -0.24 0.36
C GLU A 11 -9.48 -1.03 1.21
N GLN A 12 -9.61 -2.35 1.19
CA GLN A 12 -8.72 -3.22 1.96
C GLN A 12 -7.35 -3.33 1.29
N GLY A 13 -7.33 -3.17 -0.03
CA GLY A 13 -6.07 -3.26 -0.76
C GLY A 13 -5.41 -1.91 -0.92
N LYS A 14 -5.32 -1.16 0.19
CA LYS A 14 -4.70 0.15 0.17
C LYS A 14 -3.96 0.42 1.48
N PHE A 15 -2.72 0.88 1.38
CA PHE A 15 -1.92 1.19 2.56
C PHE A 15 -1.65 2.69 2.67
N TYR A 16 -1.10 3.11 3.80
CA TYR A 16 -0.80 4.51 4.03
C TYR A 16 0.70 4.74 4.19
N ASP A 17 1.20 5.77 3.52
CA ASP A 17 2.62 6.11 3.59
C ASP A 17 2.82 7.44 4.29
N HIS A 18 3.18 7.38 5.57
CA HIS A 18 3.40 8.59 6.37
C HIS A 18 4.33 9.58 5.66
N LEU A 19 5.50 9.10 5.25
CA LEU A 19 6.48 9.95 4.56
C LEU A 19 5.81 10.73 3.43
N LEU A 20 4.75 10.17 2.87
CA LEU A 20 4.03 10.81 1.78
C LEU A 20 2.78 11.53 2.31
N ARG A 21 2.29 11.08 3.46
CA ARG A 21 1.11 11.67 4.08
C ARG A 21 -0.15 11.36 3.27
N ASP A 22 -0.03 10.42 2.32
CA ASP A 22 -1.16 10.04 1.49
C ASP A 22 -1.42 8.54 1.61
N CYS A 23 -2.49 8.08 0.97
CA CYS A 23 -2.85 6.67 1.01
C CYS A 23 -2.48 5.98 -0.30
N ILE A 24 -1.34 5.31 -0.31
CA ILE A 24 -0.88 4.61 -1.51
C ILE A 24 -1.38 3.17 -1.54
N SER A 25 -1.58 2.65 -2.74
CA SER A 25 -2.06 1.28 -2.92
C SER A 25 -0.96 0.38 -3.47
N CYS A 26 -1.21 -0.93 -3.45
CA CYS A 26 -0.23 -1.90 -3.95
C CYS A 26 -0.50 -2.22 -5.41
N ALA A 27 -1.78 -2.25 -5.78
CA ALA A 27 -2.17 -2.54 -7.15
C ALA A 27 -1.80 -1.40 -8.08
N SER A 28 -1.81 -0.18 -7.55
CA SER A 28 -1.48 1.00 -8.33
C SER A 28 0.01 1.03 -8.68
N ILE A 29 0.80 0.23 -7.98
CA ILE A 29 2.24 0.17 -8.23
C ILE A 29 2.63 -1.15 -8.90
N CYS A 30 2.87 -2.19 -8.09
CA CYS A 30 3.24 -3.50 -8.61
C CYS A 30 4.50 -3.42 -9.46
N GLY A 31 5.56 -4.09 -9.02
CA GLY A 31 6.81 -4.09 -9.74
C GLY A 31 7.91 -3.33 -9.04
N GLN A 32 7.55 -2.21 -8.43
CA GLN A 32 8.53 -1.38 -7.71
C GLN A 32 7.95 -0.87 -6.40
N HIS A 33 7.28 -1.76 -5.66
CA HIS A 33 6.68 -1.41 -4.38
C HIS A 33 7.49 -1.98 -3.23
N PRO A 34 7.31 -1.43 -2.01
CA PRO A 34 8.03 -1.89 -0.83
C PRO A 34 7.75 -3.36 -0.52
N LYS A 35 8.46 -3.91 0.46
CA LYS A 35 8.28 -5.30 0.84
C LYS A 35 6.86 -5.56 1.37
N GLN A 36 6.19 -4.49 1.79
CA GLN A 36 4.83 -4.60 2.31
C GLN A 36 3.84 -5.01 1.22
N CYS A 37 4.04 -4.46 0.02
CA CYS A 37 3.16 -4.77 -1.11
C CYS A 37 3.65 -6.01 -1.87
N ALA A 38 4.57 -6.75 -1.27
CA ALA A 38 5.11 -7.94 -1.91
C ALA A 38 4.04 -9.03 -2.08
N TYR A 39 2.93 -8.88 -1.38
CA TYR A 39 1.83 -9.84 -1.47
C TYR A 39 0.97 -9.61 -2.70
N PHE A 40 1.30 -8.59 -3.49
CA PHE A 40 0.54 -8.28 -4.69
C PHE A 40 1.30 -8.73 -5.94
N CYS A 41 2.41 -8.06 -6.23
CA CYS A 41 3.23 -8.40 -7.39
C CYS A 41 4.69 -8.56 -6.99
N GLU A 42 5.04 -9.73 -6.46
CA GLU A 42 6.41 -9.98 -6.04
C GLU A 42 6.65 -11.46 -5.79
N ASN A 43 7.83 -11.78 -5.24
CA ASN A 43 8.21 -13.16 -4.95
C ASN A 43 7.04 -13.94 -4.34
N LYS A 44 6.35 -13.33 -3.39
CA LYS A 44 5.22 -13.96 -2.73
C LYS A 44 4.13 -14.33 -3.74
N LEU A 45 3.61 -13.31 -4.42
CA LEU A 45 2.56 -13.52 -5.42
C LEU A 45 2.94 -12.87 -6.75
N ARG A 46 2.71 -13.59 -7.84
CA ARG A 46 3.03 -13.09 -9.17
C ARG A 46 2.01 -12.07 -9.62
N GLY A 1 -1.05 -1.96 9.60
CA GLY A 1 -0.63 -1.60 8.21
C GLY A 1 -0.49 -0.10 8.02
N SER A 2 -1.40 0.65 8.60
CA SER A 2 -1.38 2.11 8.48
C SER A 2 -1.37 2.77 9.86
N PRO A 3 -0.40 3.68 10.11
CA PRO A 3 -0.29 4.37 11.40
C PRO A 3 -1.54 5.18 11.73
N TRP A 4 -1.90 6.11 10.85
CA TRP A 4 -3.06 6.95 11.06
C TRP A 4 -4.25 6.44 10.24
N SER A 5 -5.37 7.16 10.33
CA SER A 5 -6.58 6.79 9.60
C SER A 5 -7.43 8.02 9.30
N LEU A 6 -7.17 8.64 8.16
CA LEU A 6 -7.91 9.84 7.75
C LEU A 6 -8.91 9.51 6.65
N SER A 7 -8.45 8.76 5.64
CA SER A 7 -9.31 8.38 4.52
C SER A 7 -8.62 7.39 3.61
N CYS A 8 -9.25 6.24 3.40
CA CYS A 8 -8.69 5.20 2.55
C CYS A 8 -9.77 4.20 2.13
N ARG A 9 -9.60 3.62 0.95
CA ARG A 9 -10.57 2.64 0.44
C ARG A 9 -10.57 1.38 1.31
N LYS A 10 -11.64 0.59 1.20
CA LYS A 10 -11.76 -0.64 1.97
C LYS A 10 -10.97 -1.78 1.33
N GLU A 11 -10.52 -1.57 0.09
CA GLU A 11 -9.74 -2.59 -0.62
C GLU A 11 -8.55 -3.05 0.21
N GLN A 12 -8.33 -4.35 0.27
CA GLN A 12 -7.22 -4.92 1.02
C GLN A 12 -5.89 -4.45 0.45
N GLY A 13 -5.82 -4.37 -0.87
CA GLY A 13 -4.59 -3.93 -1.51
C GLY A 13 -4.37 -2.43 -1.38
N LYS A 14 -3.98 -2.01 -0.17
CA LYS A 14 -3.74 -0.59 0.09
C LYS A 14 -2.86 -0.42 1.31
N PHE A 15 -2.33 0.79 1.49
CA PHE A 15 -1.47 1.10 2.63
C PHE A 15 -1.33 2.61 2.82
N TYR A 16 -0.72 3.00 3.93
CA TYR A 16 -0.52 4.41 4.23
C TYR A 16 0.96 4.76 4.26
N ASP A 17 1.31 5.86 3.59
CA ASP A 17 2.70 6.31 3.54
C ASP A 17 2.89 7.57 4.36
N HIS A 18 3.91 7.56 5.22
CA HIS A 18 4.20 8.71 6.09
C HIS A 18 4.80 9.87 5.29
N LEU A 19 5.83 9.58 4.50
CA LEU A 19 6.49 10.60 3.70
C LEU A 19 5.50 11.30 2.77
N LEU A 20 4.38 10.64 2.49
CA LEU A 20 3.36 11.21 1.61
C LEU A 20 2.16 11.69 2.41
N ARG A 21 1.97 11.09 3.59
CA ARG A 21 0.85 11.46 4.46
C ARG A 21 -0.49 11.06 3.83
N ASP A 22 -0.43 10.19 2.81
CA ASP A 22 -1.63 9.74 2.14
C ASP A 22 -1.72 8.21 2.15
N CYS A 23 -2.81 7.68 1.61
CA CYS A 23 -3.01 6.23 1.57
C CYS A 23 -2.76 5.71 0.16
N ILE A 24 -1.52 5.30 -0.09
CA ILE A 24 -1.13 4.79 -1.40
C ILE A 24 -1.53 3.32 -1.56
N SER A 25 -1.76 2.92 -2.80
CA SER A 25 -2.15 1.53 -3.09
C SER A 25 -0.96 0.71 -3.55
N CYS A 26 -1.14 -0.61 -3.61
CA CYS A 26 -0.08 -1.51 -4.04
C CYS A 26 -0.19 -1.81 -5.54
N ALA A 27 -1.43 -1.94 -6.01
CA ALA A 27 -1.68 -2.24 -7.41
C ALA A 27 -1.05 -1.18 -8.32
N SER A 28 -1.23 0.08 -7.97
CA SER A 28 -0.70 1.18 -8.76
C SER A 28 0.84 1.15 -8.79
N ILE A 29 1.43 0.40 -7.86
CA ILE A 29 2.89 0.30 -7.79
C ILE A 29 3.36 -1.15 -7.93
N CYS A 30 2.56 -1.98 -8.58
CA CYS A 30 2.93 -3.38 -8.78
C CYS A 30 4.17 -3.51 -9.64
N GLY A 31 5.21 -4.11 -9.08
CA GLY A 31 6.46 -4.28 -9.80
C GLY A 31 7.62 -3.61 -9.12
N GLN A 32 7.39 -2.42 -8.59
CA GLN A 32 8.43 -1.67 -7.90
C GLN A 32 7.87 -1.00 -6.64
N HIS A 33 7.40 -1.83 -5.71
CA HIS A 33 6.84 -1.35 -4.45
C HIS A 33 7.52 -2.00 -3.26
N PRO A 34 7.36 -1.42 -2.06
CA PRO A 34 7.97 -1.95 -0.83
C PRO A 34 7.62 -3.42 -0.61
N LYS A 35 8.18 -4.00 0.44
CA LYS A 35 7.93 -5.41 0.75
C LYS A 35 6.50 -5.62 1.24
N GLN A 36 5.95 -4.59 1.89
CA GLN A 36 4.58 -4.67 2.41
C GLN A 36 3.58 -4.91 1.29
N CYS A 37 3.88 -4.40 0.11
CA CYS A 37 3.01 -4.57 -1.05
C CYS A 37 3.39 -5.82 -1.84
N ALA A 38 3.99 -6.79 -1.17
CA ALA A 38 4.41 -8.02 -1.81
C ALA A 38 3.22 -8.97 -2.01
N TYR A 39 2.25 -8.88 -1.10
CA TYR A 39 1.06 -9.73 -1.17
C TYR A 39 0.28 -9.49 -2.46
N PHE A 40 0.54 -8.36 -3.11
CA PHE A 40 -0.16 -8.01 -4.34
C PHE A 40 0.59 -8.55 -5.56
N CYS A 41 1.75 -7.96 -5.84
CA CYS A 41 2.56 -8.39 -6.98
C CYS A 41 4.03 -8.56 -6.57
N GLU A 42 4.39 -9.77 -6.17
CA GLU A 42 5.75 -10.05 -5.74
C GLU A 42 6.01 -11.56 -5.67
N ASN A 43 7.17 -11.92 -5.13
CA ASN A 43 7.56 -13.32 -4.97
C ASN A 43 6.38 -14.19 -4.53
N LYS A 44 5.74 -13.78 -3.44
CA LYS A 44 4.60 -14.52 -2.91
C LYS A 44 3.30 -13.72 -3.08
N LEU A 45 2.34 -14.29 -3.81
CA LEU A 45 1.07 -13.63 -4.04
C LEU A 45 -0.05 -14.65 -4.20
N ARG A 46 0.04 -15.75 -3.46
CA ARG A 46 -0.96 -16.81 -3.52
C ARG A 46 -0.77 -17.81 -2.39
N GLY A 1 -5.51 3.03 8.63
CA GLY A 1 -5.85 3.98 9.74
C GLY A 1 -5.73 5.42 9.31
N SER A 2 -6.09 6.34 10.22
CA SER A 2 -6.03 7.76 9.93
C SER A 2 -5.04 8.46 10.86
N PRO A 3 -3.73 8.40 10.52
CA PRO A 3 -2.68 9.03 11.33
C PRO A 3 -2.65 10.55 11.16
N TRP A 4 -2.68 11.01 9.91
CA TRP A 4 -2.67 12.44 9.63
C TRP A 4 -3.75 12.83 8.63
N SER A 5 -3.85 12.06 7.55
CA SER A 5 -4.85 12.32 6.52
C SER A 5 -6.25 12.37 7.11
N LEU A 6 -7.19 12.91 6.34
CA LEU A 6 -8.57 13.02 6.78
C LEU A 6 -9.38 11.79 6.37
N SER A 7 -9.39 11.51 5.07
CA SER A 7 -10.12 10.35 4.56
C SER A 7 -9.52 9.88 3.24
N CYS A 8 -9.84 8.65 2.86
CA CYS A 8 -9.33 8.06 1.62
C CYS A 8 -10.33 7.08 1.03
N ARG A 9 -9.94 6.44 -0.07
CA ARG A 9 -10.81 5.46 -0.73
C ARG A 9 -11.17 4.32 0.21
N LYS A 10 -12.24 3.62 -0.10
CA LYS A 10 -12.70 2.49 0.72
C LYS A 10 -12.01 1.19 0.32
N GLU A 11 -11.26 1.23 -0.78
CA GLU A 11 -10.55 0.04 -1.25
C GLU A 11 -9.65 -0.54 -0.17
N GLN A 12 -9.85 -1.81 0.15
CA GLN A 12 -9.05 -2.48 1.17
C GLN A 12 -7.66 -2.81 0.65
N GLY A 13 -7.44 -2.63 -0.65
CA GLY A 13 -6.14 -2.91 -1.23
C GLY A 13 -5.20 -1.73 -1.19
N LYS A 14 -5.57 -0.70 -0.42
CA LYS A 14 -4.75 0.50 -0.30
C LYS A 14 -4.13 0.60 1.09
N PHE A 15 -2.92 1.13 1.16
CA PHE A 15 -2.22 1.28 2.43
C PHE A 15 -1.84 2.73 2.67
N TYR A 16 -1.26 3.01 3.83
CA TYR A 16 -0.83 4.36 4.18
C TYR A 16 0.68 4.43 4.35
N ASP A 17 1.33 5.10 3.41
CA ASP A 17 2.78 5.25 3.46
C ASP A 17 3.17 6.52 4.21
N HIS A 18 3.82 6.34 5.36
CA HIS A 18 4.24 7.46 6.20
C HIS A 18 5.11 8.44 5.43
N LEU A 19 6.11 7.93 4.72
CA LEU A 19 7.00 8.78 3.95
C LEU A 19 6.24 9.62 2.93
N LEU A 20 5.02 9.19 2.60
CA LEU A 20 4.21 9.91 1.63
C LEU A 20 3.09 10.68 2.33
N ARG A 21 2.73 10.24 3.53
CA ARG A 21 1.68 10.89 4.31
C ARG A 21 0.34 10.78 3.58
N ASP A 22 0.24 9.85 2.64
CA ASP A 22 -0.99 9.64 1.87
C ASP A 22 -1.34 8.17 1.82
N CYS A 23 -2.43 7.85 1.14
CA CYS A 23 -2.88 6.48 1.01
C CYS A 23 -2.56 5.95 -0.39
N ILE A 24 -1.56 5.07 -0.46
CA ILE A 24 -1.15 4.49 -1.74
C ILE A 24 -1.69 3.08 -1.91
N SER A 25 -1.86 2.67 -3.16
CA SER A 25 -2.37 1.34 -3.48
C SER A 25 -1.22 0.35 -3.67
N CYS A 26 -1.55 -0.94 -3.73
CA CYS A 26 -0.53 -1.97 -3.92
C CYS A 26 -0.63 -2.58 -5.31
N ALA A 27 -1.83 -2.59 -5.87
CA ALA A 27 -2.05 -3.16 -7.20
C ALA A 27 -1.69 -2.15 -8.30
N SER A 28 -1.57 -0.88 -7.93
CA SER A 28 -1.23 0.16 -8.89
C SER A 28 0.27 0.37 -8.99
N ILE A 29 1.00 -0.03 -7.96
CA ILE A 29 2.46 0.13 -7.95
C ILE A 29 3.17 -1.21 -8.05
N CYS A 30 2.50 -2.21 -8.61
CA CYS A 30 3.10 -3.53 -8.76
C CYS A 30 4.36 -3.46 -9.60
N GLY A 31 5.50 -3.80 -8.99
CA GLY A 31 6.77 -3.77 -9.68
C GLY A 31 7.76 -2.82 -9.02
N GLN A 32 7.25 -1.74 -8.45
CA GLN A 32 8.08 -0.75 -7.78
C GLN A 32 7.37 -0.19 -6.56
N HIS A 33 7.05 -1.07 -5.61
CA HIS A 33 6.36 -0.68 -4.38
C HIS A 33 7.14 -1.14 -3.15
N PRO A 34 6.88 -0.51 -1.99
CA PRO A 34 7.55 -0.88 -0.74
C PRO A 34 7.33 -2.33 -0.37
N LYS A 35 7.96 -2.76 0.72
CA LYS A 35 7.84 -4.14 1.19
C LYS A 35 6.40 -4.45 1.62
N GLN A 36 5.65 -3.41 1.99
CA GLN A 36 4.27 -3.58 2.42
C GLN A 36 3.40 -4.12 1.29
N CYS A 37 3.69 -3.69 0.07
CA CYS A 37 2.93 -4.14 -1.10
C CYS A 37 3.62 -5.32 -1.78
N ALA A 38 4.41 -6.06 -1.02
CA ALA A 38 5.13 -7.22 -1.55
C ALA A 38 4.20 -8.43 -1.70
N TYR A 39 3.17 -8.48 -0.86
CA TYR A 39 2.21 -9.58 -0.89
C TYR A 39 1.42 -9.60 -2.19
N PHE A 40 1.47 -8.50 -2.94
CA PHE A 40 0.75 -8.40 -4.21
C PHE A 40 1.61 -8.87 -5.37
N CYS A 41 2.63 -8.10 -5.71
CA CYS A 41 3.53 -8.44 -6.81
C CYS A 41 4.99 -8.36 -6.36
N GLU A 42 5.51 -9.45 -5.82
CA GLU A 42 6.90 -9.49 -5.37
C GLU A 42 7.35 -10.92 -5.10
N ASN A 43 8.55 -11.07 -4.54
CA ASN A 43 9.10 -12.39 -4.24
C ASN A 43 8.11 -13.22 -3.42
N LYS A 44 7.31 -12.54 -2.61
CA LYS A 44 6.31 -13.22 -1.79
C LYS A 44 5.22 -13.85 -2.64
N LEU A 45 4.56 -13.02 -3.45
CA LEU A 45 3.50 -13.49 -4.33
C LEU A 45 3.81 -13.17 -5.79
N ARG A 46 4.23 -14.20 -6.53
CA ARG A 46 4.57 -14.02 -7.95
C ARG A 46 3.39 -14.42 -8.82
N GLY A 1 -3.75 -2.33 9.06
CA GLY A 1 -2.60 -1.88 9.89
C GLY A 1 -2.18 -0.46 9.60
N SER A 2 -3.16 0.45 9.59
CA SER A 2 -2.90 1.86 9.33
C SER A 2 -2.28 2.54 10.55
N PRO A 3 -1.07 3.12 10.39
CA PRO A 3 -0.38 3.79 11.50
C PRO A 3 -1.24 4.88 12.14
N TRP A 4 -1.59 5.89 11.36
CA TRP A 4 -2.40 6.99 11.84
C TRP A 4 -3.89 6.66 11.75
N SER A 5 -4.72 7.49 12.36
CA SER A 5 -6.17 7.28 12.36
C SER A 5 -6.82 8.02 11.19
N LEU A 6 -6.10 9.00 10.65
CA LEU A 6 -6.62 9.78 9.53
C LEU A 6 -6.44 9.06 8.20
N SER A 7 -5.87 7.85 8.25
CA SER A 7 -5.65 7.05 7.05
C SER A 7 -6.95 6.87 6.27
N CYS A 8 -6.82 6.65 4.96
CA CYS A 8 -7.97 6.47 4.09
C CYS A 8 -7.93 5.11 3.41
N ARG A 9 -9.03 4.36 3.51
CA ARG A 9 -9.10 3.03 2.90
C ARG A 9 -10.20 2.98 1.84
N LYS A 10 -9.81 3.10 0.58
CA LYS A 10 -10.77 3.06 -0.52
C LYS A 10 -11.03 1.63 -0.97
N GLU A 11 -10.02 0.76 -0.80
CA GLU A 11 -10.14 -0.63 -1.18
C GLU A 11 -9.55 -1.54 -0.12
N GLN A 12 -9.46 -2.84 -0.42
CA GLN A 12 -8.91 -3.81 0.51
C GLN A 12 -7.41 -4.01 0.26
N GLY A 13 -6.99 -3.81 -0.99
CA GLY A 13 -5.60 -3.97 -1.33
C GLY A 13 -4.85 -2.66 -1.42
N LYS A 14 -4.78 -1.94 -0.31
CA LYS A 14 -4.09 -0.66 -0.26
C LYS A 14 -3.14 -0.60 0.93
N PHE A 15 -2.23 0.38 0.91
CA PHE A 15 -1.25 0.54 1.98
C PHE A 15 -1.09 2.01 2.35
N TYR A 16 -0.34 2.26 3.42
CA TYR A 16 -0.09 3.62 3.89
C TYR A 16 1.38 3.98 3.73
N ASP A 17 1.64 5.05 2.98
CA ASP A 17 3.02 5.50 2.76
C ASP A 17 3.35 6.69 3.67
N HIS A 18 4.15 6.44 4.69
CA HIS A 18 4.55 7.47 5.63
C HIS A 18 5.20 8.66 4.93
N LEU A 19 6.12 8.37 4.01
CA LEU A 19 6.81 9.43 3.27
C LEU A 19 5.82 10.33 2.55
N LEU A 20 4.62 9.82 2.29
CA LEU A 20 3.58 10.59 1.61
C LEU A 20 2.52 11.07 2.59
N ARG A 21 2.38 10.36 3.71
CA ARG A 21 1.40 10.72 4.73
C ARG A 21 -0.03 10.50 4.21
N ASP A 22 -0.15 9.79 3.10
CA ASP A 22 -1.46 9.51 2.51
C ASP A 22 -1.65 8.01 2.32
N CYS A 23 -2.81 7.64 1.77
CA CYS A 23 -3.11 6.23 1.52
C CYS A 23 -2.95 5.90 0.04
N ILE A 24 -1.95 5.08 -0.26
CA ILE A 24 -1.68 4.70 -1.64
C ILE A 24 -2.02 3.23 -1.88
N SER A 25 -2.24 2.88 -3.14
CA SER A 25 -2.56 1.51 -3.52
C SER A 25 -1.30 0.74 -3.91
N CYS A 26 -1.40 -0.59 -3.92
CA CYS A 26 -0.27 -1.43 -4.28
C CYS A 26 -0.31 -1.79 -5.76
N ALA A 27 -1.52 -1.88 -6.31
CA ALA A 27 -1.70 -2.22 -7.72
C ALA A 27 -0.98 -1.23 -8.62
N SER A 28 -1.28 0.05 -8.44
CA SER A 28 -0.67 1.10 -9.26
C SER A 28 0.85 1.07 -9.16
N ILE A 29 1.37 0.48 -8.09
CA ILE A 29 2.82 0.40 -7.89
C ILE A 29 3.32 -1.04 -8.00
N CYS A 30 2.61 -1.86 -8.77
CA CYS A 30 3.00 -3.25 -8.94
C CYS A 30 4.35 -3.35 -9.65
N GLY A 31 5.28 -4.07 -9.03
CA GLY A 31 6.60 -4.23 -9.61
C GLY A 31 7.63 -3.33 -8.96
N GLN A 32 7.19 -2.17 -8.49
CA GLN A 32 8.08 -1.21 -7.84
C GLN A 32 7.45 -0.65 -6.57
N HIS A 33 7.09 -1.53 -5.64
CA HIS A 33 6.47 -1.12 -4.39
C HIS A 33 7.27 -1.62 -3.20
N PRO A 34 7.14 -0.96 -2.03
CA PRO A 34 7.86 -1.34 -0.81
C PRO A 34 7.45 -2.72 -0.31
N LYS A 35 8.13 -3.18 0.73
CA LYS A 35 7.85 -4.49 1.33
C LYS A 35 6.41 -4.56 1.82
N GLN A 36 5.87 -3.42 2.23
CA GLN A 36 4.50 -3.36 2.72
C GLN A 36 3.52 -3.94 1.70
N CYS A 37 3.75 -3.65 0.44
CA CYS A 37 2.91 -4.14 -0.64
C CYS A 37 3.43 -5.46 -1.19
N ALA A 38 4.16 -6.20 -0.35
CA ALA A 38 4.72 -7.49 -0.75
C ALA A 38 3.63 -8.54 -0.93
N TYR A 39 2.44 -8.25 -0.44
CA TYR A 39 1.31 -9.18 -0.54
C TYR A 39 0.49 -8.94 -1.80
N PHE A 40 0.87 -7.94 -2.60
CA PHE A 40 0.12 -7.61 -3.81
C PHE A 40 0.83 -8.13 -5.06
N CYS A 41 1.94 -7.49 -5.43
CA CYS A 41 2.70 -7.89 -6.61
C CYS A 41 4.14 -8.23 -6.27
N GLU A 42 4.31 -9.10 -5.27
CA GLU A 42 5.65 -9.50 -4.84
C GLU A 42 5.69 -10.98 -4.49
N ASN A 43 6.82 -11.42 -3.93
CA ASN A 43 6.99 -12.82 -3.56
C ASN A 43 5.94 -13.27 -2.54
N LYS A 44 4.72 -13.46 -3.00
CA LYS A 44 3.61 -13.89 -2.15
C LYS A 44 2.34 -14.05 -2.97
N LEU A 45 1.98 -13.02 -3.72
CA LEU A 45 0.78 -13.05 -4.55
C LEU A 45 1.12 -12.76 -6.02
N ARG A 46 0.66 -13.62 -6.91
CA ARG A 46 0.92 -13.46 -8.33
C ARG A 46 0.10 -14.44 -9.15
N GLY A 1 2.96 -2.89 7.84
CA GLY A 1 3.26 -1.77 8.77
C GLY A 1 2.71 -0.44 8.27
N SER A 2 1.60 -0.01 8.84
CA SER A 2 0.97 1.25 8.45
C SER A 2 0.88 2.20 9.64
N PRO A 3 1.04 3.52 9.38
CA PRO A 3 0.97 4.54 10.44
C PRO A 3 -0.43 4.67 11.02
N TRP A 4 -1.43 4.66 10.14
CA TRP A 4 -2.82 4.79 10.57
C TRP A 4 -3.63 3.57 10.18
N SER A 5 -4.93 3.59 10.48
CA SER A 5 -5.81 2.48 10.15
C SER A 5 -7.23 2.97 9.90
N LEU A 6 -7.71 3.86 10.76
CA LEU A 6 -9.05 4.41 10.62
C LEU A 6 -9.05 5.71 9.85
N SER A 7 -7.99 5.95 9.07
CA SER A 7 -7.87 7.17 8.29
C SER A 7 -8.52 7.00 6.91
N CYS A 8 -8.05 6.00 6.16
CA CYS A 8 -8.57 5.74 4.83
C CYS A 8 -8.66 4.23 4.57
N ARG A 9 -9.87 3.73 4.40
CA ARG A 9 -10.08 2.31 4.14
C ARG A 9 -10.75 2.09 2.79
N LYS A 10 -9.95 1.84 1.77
CA LYS A 10 -10.47 1.61 0.42
C LYS A 10 -10.67 0.12 0.16
N GLU A 11 -9.60 -0.65 0.31
CA GLU A 11 -9.66 -2.09 0.09
C GLU A 11 -8.66 -2.82 1.00
N GLN A 12 -8.55 -4.13 0.81
CA GLN A 12 -7.64 -4.94 1.60
C GLN A 12 -6.20 -4.83 1.08
N GLY A 13 -6.02 -4.10 -0.01
CA GLY A 13 -4.69 -3.94 -0.57
C GLY A 13 -4.24 -2.49 -0.60
N LYS A 14 -4.77 -1.69 0.31
CA LYS A 14 -4.42 -0.27 0.38
C LYS A 14 -3.62 0.02 1.65
N PHE A 15 -2.52 0.76 1.48
CA PHE A 15 -1.67 1.11 2.61
C PHE A 15 -1.52 2.62 2.73
N TYR A 16 -0.93 3.07 3.84
CA TYR A 16 -0.72 4.50 4.05
C TYR A 16 0.77 4.82 4.15
N ASP A 17 1.22 5.74 3.31
CA ASP A 17 2.62 6.14 3.30
C ASP A 17 2.83 7.42 4.11
N HIS A 18 3.33 7.26 5.34
CA HIS A 18 3.57 8.40 6.22
C HIS A 18 4.48 9.43 5.56
N LEU A 19 5.58 8.98 4.99
CA LEU A 19 6.53 9.88 4.33
C LEU A 19 5.84 10.74 3.27
N LEU A 20 4.70 10.26 2.77
CA LEU A 20 3.95 10.99 1.76
C LEU A 20 2.73 11.69 2.38
N ARG A 21 2.27 11.16 3.51
CA ARG A 21 1.10 11.72 4.20
C ARG A 21 -0.19 11.44 3.43
N ASP A 22 -0.09 10.56 2.42
CA ASP A 22 -1.26 10.20 1.62
C ASP A 22 -1.50 8.69 1.68
N CYS A 23 -2.58 8.25 1.05
CA CYS A 23 -2.91 6.83 1.03
C CYS A 23 -2.57 6.22 -0.33
N ILE A 24 -1.50 5.45 -0.38
CA ILE A 24 -1.06 4.83 -1.61
C ILE A 24 -1.52 3.37 -1.69
N SER A 25 -1.80 2.90 -2.90
CA SER A 25 -2.25 1.53 -3.13
C SER A 25 -1.09 0.64 -3.54
N CYS A 26 -1.33 -0.67 -3.54
CA CYS A 26 -0.30 -1.64 -3.92
C CYS A 26 -0.40 -1.97 -5.40
N ALA A 27 -1.61 -1.92 -5.95
CA ALA A 27 -1.83 -2.24 -7.35
C ALA A 27 -1.22 -1.17 -8.26
N SER A 28 -1.31 0.09 -7.84
CA SER A 28 -0.76 1.19 -8.63
C SER A 28 0.76 1.18 -8.65
N ILE A 29 1.37 0.35 -7.80
CA ILE A 29 2.83 0.26 -7.74
C ILE A 29 3.31 -1.17 -7.90
N CYS A 30 2.50 -2.00 -8.57
CA CYS A 30 2.86 -3.40 -8.78
C CYS A 30 4.20 -3.51 -9.52
N GLY A 31 5.19 -4.10 -8.86
CA GLY A 31 6.49 -4.26 -9.47
C GLY A 31 7.57 -3.49 -8.75
N GLN A 32 7.28 -2.22 -8.45
CA GLN A 32 8.24 -1.36 -7.75
C GLN A 32 7.61 -0.79 -6.48
N HIS A 33 7.28 -1.67 -5.54
CA HIS A 33 6.68 -1.25 -4.28
C HIS A 33 7.37 -1.91 -3.09
N PRO A 34 7.14 -1.38 -1.88
CA PRO A 34 7.74 -1.91 -0.64
C PRO A 34 7.37 -3.37 -0.41
N LYS A 35 7.81 -3.92 0.71
CA LYS A 35 7.53 -5.30 1.07
C LYS A 35 6.05 -5.49 1.39
N GLN A 36 5.42 -4.46 1.93
CA GLN A 36 4.01 -4.51 2.29
C GLN A 36 3.15 -4.82 1.06
N CYS A 37 3.66 -4.47 -0.12
CA CYS A 37 2.94 -4.71 -1.37
C CYS A 37 3.55 -5.87 -2.15
N ALA A 38 4.60 -6.48 -1.60
CA ALA A 38 5.27 -7.60 -2.26
C ALA A 38 4.29 -8.69 -2.64
N TYR A 39 3.71 -9.35 -1.64
CA TYR A 39 2.75 -10.43 -1.86
C TYR A 39 1.68 -10.03 -2.87
N PHE A 40 1.45 -8.73 -3.01
CA PHE A 40 0.43 -8.23 -3.93
C PHE A 40 0.70 -8.66 -5.37
N CYS A 41 1.85 -8.26 -5.93
CA CYS A 41 2.17 -8.60 -7.31
C CYS A 41 3.49 -9.36 -7.41
N GLU A 42 4.48 -8.95 -6.62
CA GLU A 42 5.80 -9.59 -6.64
C GLU A 42 6.02 -10.47 -5.42
N ASN A 43 5.96 -11.78 -5.63
CA ASN A 43 6.15 -12.74 -4.55
C ASN A 43 6.03 -14.16 -5.11
N LYS A 44 5.06 -14.34 -5.99
CA LYS A 44 4.82 -15.62 -6.63
C LYS A 44 4.23 -15.43 -8.03
N LEU A 45 4.54 -14.26 -8.62
CA LEU A 45 4.05 -13.93 -9.95
C LEU A 45 5.15 -13.30 -10.79
N ARG A 46 6.40 -13.57 -10.43
CA ARG A 46 7.54 -13.03 -11.17
C ARG A 46 8.05 -14.03 -12.20
N GLY A 1 -5.27 0.52 13.14
CA GLY A 1 -5.62 0.74 11.70
C GLY A 1 -4.52 1.42 10.93
N SER A 2 -4.38 2.72 11.15
CA SER A 2 -3.35 3.51 10.46
C SER A 2 -2.92 4.71 11.30
N PRO A 3 -1.78 5.33 10.96
CA PRO A 3 -1.28 6.50 11.69
C PRO A 3 -2.13 7.74 11.47
N TRP A 4 -2.44 8.03 10.21
CA TRP A 4 -3.26 9.20 9.88
C TRP A 4 -4.44 8.80 9.00
N SER A 5 -5.33 7.98 9.55
CA SER A 5 -6.51 7.52 8.82
C SER A 5 -7.74 8.34 9.19
N LEU A 6 -8.02 9.38 8.41
CA LEU A 6 -9.18 10.23 8.67
C LEU A 6 -10.36 9.80 7.80
N SER A 7 -10.09 9.50 6.54
CA SER A 7 -11.12 9.08 5.61
C SER A 7 -10.50 8.55 4.32
N CYS A 8 -9.79 7.44 4.41
CA CYS A 8 -9.14 6.84 3.25
C CYS A 8 -9.87 5.57 2.82
N ARG A 9 -9.32 4.89 1.82
CA ARG A 9 -9.91 3.65 1.31
C ARG A 9 -9.82 2.53 2.35
N LYS A 10 -10.93 1.83 2.53
CA LYS A 10 -10.98 0.73 3.50
C LYS A 10 -10.67 -0.62 2.83
N GLU A 11 -10.35 -0.58 1.54
CA GLU A 11 -10.03 -1.80 0.81
C GLU A 11 -8.84 -2.52 1.41
N GLN A 12 -8.61 -3.76 0.98
CA GLN A 12 -7.49 -4.55 1.49
C GLN A 12 -6.27 -4.40 0.61
N GLY A 13 -6.48 -3.98 -0.64
CA GLY A 13 -5.38 -3.82 -1.57
C GLY A 13 -4.83 -2.40 -1.57
N LYS A 14 -4.72 -1.81 -0.39
CA LYS A 14 -4.20 -0.45 -0.25
C LYS A 14 -3.33 -0.33 1.00
N PHE A 15 -2.41 0.64 0.98
CA PHE A 15 -1.52 0.87 2.11
C PHE A 15 -1.31 2.36 2.35
N TYR A 16 -0.63 2.69 3.44
CA TYR A 16 -0.35 4.08 3.78
C TYR A 16 1.16 4.35 3.77
N ASP A 17 1.57 5.32 2.97
CA ASP A 17 2.98 5.68 2.88
C ASP A 17 3.28 6.92 3.73
N HIS A 18 4.05 6.72 4.80
CA HIS A 18 4.40 7.81 5.70
C HIS A 18 5.11 8.93 4.97
N LEU A 19 6.18 8.60 4.25
CA LEU A 19 6.95 9.59 3.50
C LEU A 19 6.04 10.48 2.66
N LEU A 20 4.90 9.94 2.27
CA LEU A 20 3.94 10.68 1.46
C LEU A 20 2.86 11.31 2.34
N ARG A 21 2.65 10.72 3.51
CA ARG A 21 1.64 11.21 4.45
C ARG A 21 0.23 11.02 3.89
N ASP A 22 0.12 10.16 2.87
CA ASP A 22 -1.17 9.88 2.26
C ASP A 22 -1.39 8.37 2.14
N CYS A 23 -2.56 7.98 1.65
CA CYS A 23 -2.89 6.58 1.49
C CYS A 23 -2.78 6.17 0.02
N ILE A 24 -1.87 5.26 -0.27
CA ILE A 24 -1.65 4.79 -1.63
C ILE A 24 -2.07 3.33 -1.79
N SER A 25 -2.31 2.91 -3.04
CA SER A 25 -2.70 1.54 -3.32
C SER A 25 -1.50 0.69 -3.69
N CYS A 26 -1.67 -0.63 -3.63
CA CYS A 26 -0.59 -1.56 -3.96
C CYS A 26 -0.66 -1.97 -5.43
N ALA A 27 -1.86 -2.32 -5.88
CA ALA A 27 -2.06 -2.74 -7.27
C ALA A 27 -1.57 -1.67 -8.24
N SER A 28 -1.56 -0.42 -7.79
CA SER A 28 -1.12 0.69 -8.63
C SER A 28 0.39 0.92 -8.52
N ILE A 29 1.08 0.04 -7.80
CA ILE A 29 2.52 0.15 -7.63
C ILE A 29 3.22 -1.19 -7.80
N CYS A 30 2.57 -2.12 -8.48
CA CYS A 30 3.17 -3.44 -8.70
C CYS A 30 4.48 -3.31 -9.47
N GLY A 31 5.56 -3.72 -8.83
CA GLY A 31 6.87 -3.64 -9.45
C GLY A 31 7.80 -2.70 -8.71
N GLN A 32 7.24 -1.59 -8.23
CA GLN A 32 8.02 -0.59 -7.48
C GLN A 32 7.29 -0.21 -6.19
N HIS A 33 7.12 -1.17 -5.31
CA HIS A 33 6.43 -0.93 -4.04
C HIS A 33 7.22 -1.52 -2.87
N PRO A 34 6.96 -1.04 -1.64
CA PRO A 34 7.65 -1.53 -0.44
C PRO A 34 7.19 -2.93 -0.06
N LYS A 35 7.91 -3.54 0.89
CA LYS A 35 7.59 -4.89 1.34
C LYS A 35 6.11 -5.03 1.70
N GLN A 36 5.50 -3.92 2.10
CA GLN A 36 4.09 -3.91 2.47
C GLN A 36 3.21 -4.41 1.33
N CYS A 37 3.54 -3.99 0.12
CA CYS A 37 2.78 -4.40 -1.07
C CYS A 37 3.41 -5.62 -1.73
N ALA A 38 4.14 -6.41 -0.94
CA ALA A 38 4.80 -7.61 -1.44
C ALA A 38 3.80 -8.75 -1.64
N TYR A 39 2.64 -8.63 -1.03
CA TYR A 39 1.61 -9.66 -1.14
C TYR A 39 0.83 -9.54 -2.45
N PHE A 40 1.19 -8.55 -3.26
CA PHE A 40 0.51 -8.35 -4.54
C PHE A 40 1.40 -8.80 -5.70
N CYS A 41 2.49 -8.07 -5.93
CA CYS A 41 3.43 -8.41 -7.00
C CYS A 41 4.86 -8.38 -6.48
N GLU A 42 5.32 -9.49 -5.91
CA GLU A 42 6.66 -9.59 -5.38
C GLU A 42 7.21 -11.01 -5.46
N ASN A 43 8.37 -11.23 -4.86
CA ASN A 43 9.01 -12.55 -4.86
C ASN A 43 8.08 -13.61 -4.27
N LYS A 44 7.52 -13.31 -3.10
CA LYS A 44 6.62 -14.24 -2.44
C LYS A 44 5.43 -14.60 -3.33
N LEU A 45 5.03 -13.66 -4.18
CA LEU A 45 3.91 -13.87 -5.08
C LEU A 45 4.37 -13.92 -6.53
N ARG A 46 3.43 -13.83 -7.46
CA ARG A 46 3.74 -13.86 -8.88
C ARG A 46 2.71 -13.06 -9.69
N GLY A 1 -5.61 16.34 15.16
CA GLY A 1 -5.37 16.07 13.70
C GLY A 1 -4.84 14.67 13.46
N SER A 2 -5.36 14.03 12.42
CA SER A 2 -4.93 12.67 12.08
C SER A 2 -4.53 12.58 10.60
N PRO A 3 -3.33 12.05 10.31
CA PRO A 3 -2.85 11.92 8.94
C PRO A 3 -3.69 10.95 8.11
N TRP A 4 -4.05 9.82 8.73
CA TRP A 4 -4.85 8.81 8.05
C TRP A 4 -6.15 8.55 8.80
N SER A 5 -7.25 8.48 8.06
CA SER A 5 -8.56 8.24 8.65
C SER A 5 -9.62 8.08 7.57
N LEU A 6 -9.86 9.14 6.81
CA LEU A 6 -10.85 9.10 5.75
C LEU A 6 -10.18 9.05 4.37
N SER A 7 -8.86 9.16 4.34
CA SER A 7 -8.11 9.12 3.09
C SER A 7 -8.39 7.82 2.33
N CYS A 8 -8.52 6.72 3.06
CA CYS A 8 -8.78 5.42 2.45
C CYS A 8 -9.66 4.57 3.35
N ARG A 9 -9.99 3.37 2.87
CA ARG A 9 -10.83 2.45 3.63
C ARG A 9 -9.98 1.43 4.39
N LYS A 10 -10.65 0.58 5.18
CA LYS A 10 -9.95 -0.44 5.97
C LYS A 10 -9.34 -1.52 5.07
N GLU A 11 -9.65 -1.48 3.77
CA GLU A 11 -9.13 -2.46 2.82
C GLU A 11 -7.64 -2.71 3.03
N GLN A 12 -7.26 -3.98 3.07
CA GLN A 12 -5.87 -4.35 3.28
C GLN A 12 -5.05 -4.16 2.00
N GLY A 13 -5.72 -4.24 0.85
CA GLY A 13 -5.05 -4.08 -0.42
C GLY A 13 -4.28 -2.78 -0.50
N LYS A 14 -4.85 -1.71 0.05
CA LYS A 14 -4.21 -0.40 0.03
C LYS A 14 -3.55 -0.11 1.37
N PHE A 15 -2.83 1.01 1.44
CA PHE A 15 -2.14 1.40 2.67
C PHE A 15 -1.84 2.90 2.68
N TYR A 16 -1.44 3.39 3.84
CA TYR A 16 -1.10 4.81 4.00
C TYR A 16 0.36 4.98 4.39
N ASP A 17 1.06 5.84 3.66
CA ASP A 17 2.47 6.09 3.94
C ASP A 17 2.66 7.47 4.56
N HIS A 18 3.11 7.50 5.82
CA HIS A 18 3.32 8.74 6.53
C HIS A 18 4.32 9.64 5.80
N LEU A 19 5.46 9.06 5.41
CA LEU A 19 6.49 9.81 4.71
C LEU A 19 5.94 10.49 3.46
N LEU A 20 4.84 9.94 2.93
CA LEU A 20 4.21 10.49 1.74
C LEU A 20 3.00 11.34 2.11
N ARG A 21 2.42 11.08 3.28
CA ARG A 21 1.26 11.82 3.74
C ARG A 21 0.04 11.53 2.87
N ASP A 22 0.12 10.47 2.06
CA ASP A 22 -0.98 10.09 1.18
C ASP A 22 -1.28 8.60 1.31
N CYS A 23 -2.29 8.13 0.60
CA CYS A 23 -2.67 6.74 0.63
C CYS A 23 -2.18 6.02 -0.63
N ILE A 24 -1.11 5.25 -0.48
CA ILE A 24 -0.52 4.52 -1.60
C ILE A 24 -1.07 3.10 -1.69
N SER A 25 -1.58 2.75 -2.87
CA SER A 25 -2.14 1.43 -3.11
C SER A 25 -1.05 0.44 -3.49
N CYS A 26 -1.40 -0.85 -3.51
CA CYS A 26 -0.45 -1.90 -3.85
C CYS A 26 -0.54 -2.25 -5.33
N ALA A 27 -1.77 -2.33 -5.84
CA ALA A 27 -2.01 -2.67 -7.22
C ALA A 27 -1.53 -1.57 -8.16
N SER A 28 -1.61 -0.33 -7.71
CA SER A 28 -1.20 0.81 -8.51
C SER A 28 0.32 1.00 -8.48
N ILE A 29 1.01 0.21 -7.66
CA ILE A 29 2.45 0.32 -7.55
C ILE A 29 3.15 -0.99 -7.92
N CYS A 30 2.52 -1.78 -8.79
CA CYS A 30 3.09 -3.05 -9.21
C CYS A 30 4.53 -2.85 -9.69
N GLY A 31 5.33 -3.91 -9.61
CA GLY A 31 6.71 -3.82 -10.05
C GLY A 31 7.61 -3.09 -9.07
N GLN A 32 7.26 -1.84 -8.77
CA GLN A 32 8.06 -1.04 -7.84
C GLN A 32 7.29 -0.76 -6.55
N HIS A 33 7.25 -1.75 -5.67
CA HIS A 33 6.54 -1.62 -4.40
C HIS A 33 7.41 -2.12 -3.24
N PRO A 34 7.10 -1.69 -2.00
CA PRO A 34 7.85 -2.11 -0.82
C PRO A 34 7.56 -3.56 -0.45
N LYS A 35 8.15 -4.01 0.65
CA LYS A 35 7.95 -5.39 1.11
C LYS A 35 6.51 -5.61 1.54
N GLN A 36 5.84 -4.54 1.97
CA GLN A 36 4.46 -4.64 2.43
C GLN A 36 3.56 -5.16 1.31
N CYS A 37 3.61 -4.49 0.16
CA CYS A 37 2.79 -4.88 -0.98
C CYS A 37 3.38 -6.09 -1.71
N ALA A 38 4.46 -6.66 -1.16
CA ALA A 38 5.11 -7.82 -1.76
C ALA A 38 4.10 -8.93 -2.06
N TYR A 39 2.98 -8.92 -1.35
CA TYR A 39 1.94 -9.93 -1.52
C TYR A 39 1.02 -9.60 -2.70
N PHE A 40 1.27 -8.47 -3.37
CA PHE A 40 0.43 -8.07 -4.50
C PHE A 40 1.10 -8.38 -5.84
N CYS A 41 2.12 -7.62 -6.19
CA CYS A 41 2.81 -7.82 -7.47
C CYS A 41 4.26 -8.25 -7.25
N GLU A 42 4.47 -9.18 -6.33
CA GLU A 42 5.83 -9.64 -6.03
C GLU A 42 5.92 -11.17 -6.06
N ASN A 43 7.07 -11.68 -5.64
CA ASN A 43 7.34 -13.12 -5.62
C ASN A 43 6.09 -13.93 -5.25
N LYS A 44 5.52 -13.65 -4.09
CA LYS A 44 4.32 -14.36 -3.65
C LYS A 44 3.06 -13.75 -4.26
N LEU A 45 2.22 -14.61 -4.82
CA LEU A 45 0.98 -14.15 -5.45
C LEU A 45 0.11 -15.33 -5.86
N ARG A 46 -1.03 -15.04 -6.48
CA ARG A 46 -1.95 -16.09 -6.92
C ARG A 46 -2.66 -15.68 -8.20
N GLY A 1 2.96 7.80 18.78
CA GLY A 1 3.35 8.13 17.37
C GLY A 1 2.51 7.42 16.34
N SER A 2 1.20 7.66 16.39
CA SER A 2 0.27 7.03 15.47
C SER A 2 -0.53 8.09 14.69
N PRO A 3 -0.08 8.44 13.47
CA PRO A 3 -0.75 9.44 12.65
C PRO A 3 -2.01 8.89 11.97
N TRP A 4 -2.27 7.60 12.16
CA TRP A 4 -3.44 6.96 11.57
C TRP A 4 -4.72 7.47 12.24
N SER A 5 -5.58 8.10 11.45
CA SER A 5 -6.83 8.64 11.97
C SER A 5 -7.70 9.17 10.83
N LEU A 6 -7.23 10.24 10.20
CA LEU A 6 -7.96 10.85 9.09
C LEU A 6 -7.49 10.32 7.75
N SER A 7 -6.85 9.15 7.77
CA SER A 7 -6.33 8.53 6.55
C SER A 7 -7.43 8.37 5.51
N CYS A 8 -7.03 8.04 4.29
CA CYS A 8 -7.99 7.84 3.20
C CYS A 8 -7.91 6.41 2.65
N ARG A 9 -9.00 5.68 2.76
CA ARG A 9 -9.04 4.30 2.28
C ARG A 9 -9.91 4.18 1.04
N LYS A 10 -9.29 4.20 -0.13
CA LYS A 10 -10.00 4.09 -1.39
C LYS A 10 -10.64 2.71 -1.54
N GLU A 11 -9.99 1.70 -0.96
CA GLU A 11 -10.50 0.34 -1.02
C GLU A 11 -9.90 -0.51 0.10
N GLN A 12 -10.27 -1.78 0.13
CA GLN A 12 -9.77 -2.71 1.15
C GLN A 12 -8.34 -3.14 0.85
N GLY A 13 -7.97 -3.12 -0.42
CA GLY A 13 -6.63 -3.52 -0.82
C GLY A 13 -5.73 -2.33 -1.08
N LYS A 14 -5.47 -1.55 -0.04
CA LYS A 14 -4.62 -0.37 -0.15
C LYS A 14 -3.76 -0.20 1.09
N PHE A 15 -2.84 0.76 1.05
CA PHE A 15 -1.96 1.02 2.18
C PHE A 15 -1.73 2.52 2.37
N TYR A 16 -1.20 2.88 3.54
CA TYR A 16 -0.93 4.27 3.85
C TYR A 16 0.57 4.50 4.07
N ASP A 17 1.18 5.29 3.20
CA ASP A 17 2.61 5.58 3.30
C ASP A 17 2.86 6.72 4.28
N HIS A 18 3.59 6.42 5.34
CA HIS A 18 3.90 7.41 6.38
C HIS A 18 4.73 8.58 5.82
N LEU A 19 5.81 8.24 5.12
CA LEU A 19 6.70 9.25 4.56
C LEU A 19 5.96 10.16 3.57
N LEU A 20 4.81 9.70 3.08
CA LEU A 20 4.02 10.48 2.14
C LEU A 20 2.84 11.16 2.81
N ARG A 21 2.40 10.60 3.94
CA ARG A 21 1.27 11.14 4.67
C ARG A 21 -0.02 11.04 3.85
N ASP A 22 0.01 10.21 2.81
CA ASP A 22 -1.14 10.01 1.95
C ASP A 22 -1.50 8.54 1.84
N CYS A 23 -2.53 8.22 1.07
CA CYS A 23 -2.96 6.85 0.89
C CYS A 23 -2.56 6.33 -0.49
N ILE A 24 -1.63 5.38 -0.50
CA ILE A 24 -1.15 4.80 -1.74
C ILE A 24 -1.56 3.33 -1.87
N SER A 25 -1.80 2.89 -3.09
CA SER A 25 -2.21 1.52 -3.35
C SER A 25 -1.03 0.68 -3.82
N CYS A 26 -1.20 -0.65 -3.80
CA CYS A 26 -0.15 -1.56 -4.23
C CYS A 26 -0.32 -1.94 -5.69
N ALA A 27 -1.55 -2.29 -6.06
CA ALA A 27 -1.86 -2.68 -7.44
C ALA A 27 -1.39 -1.62 -8.43
N SER A 28 -1.43 -0.36 -8.02
CA SER A 28 -1.00 0.74 -8.88
C SER A 28 0.52 0.87 -8.92
N ILE A 29 1.21 0.04 -8.14
CA ILE A 29 2.67 0.06 -8.10
C ILE A 29 3.26 -1.34 -8.12
N CYS A 30 2.48 -2.31 -8.60
CA CYS A 30 2.94 -3.69 -8.68
C CYS A 30 4.16 -3.82 -9.59
N GLY A 31 5.27 -4.22 -9.01
CA GLY A 31 6.50 -4.38 -9.76
C GLY A 31 7.62 -3.50 -9.25
N GLN A 32 7.26 -2.31 -8.77
CA GLN A 32 8.24 -1.36 -8.24
C GLN A 32 7.68 -0.66 -7.00
N HIS A 33 7.32 -1.45 -6.00
CA HIS A 33 6.77 -0.92 -4.76
C HIS A 33 7.56 -1.43 -3.55
N PRO A 34 7.39 -0.77 -2.38
CA PRO A 34 8.07 -1.17 -1.15
C PRO A 34 7.75 -2.61 -0.76
N LYS A 35 8.51 -3.14 0.20
CA LYS A 35 8.30 -4.51 0.67
C LYS A 35 6.90 -4.69 1.22
N GLN A 36 6.30 -3.61 1.71
CA GLN A 36 4.95 -3.67 2.27
C GLN A 36 3.94 -4.14 1.21
N CYS A 37 4.21 -3.82 -0.04
CA CYS A 37 3.33 -4.22 -1.14
C CYS A 37 3.78 -5.54 -1.75
N ALA A 38 4.46 -6.36 -0.96
CA ALA A 38 4.95 -7.65 -1.43
C ALA A 38 3.82 -8.67 -1.51
N TYR A 39 2.85 -8.56 -0.61
CA TYR A 39 1.73 -9.49 -0.58
C TYR A 39 0.89 -9.39 -1.86
N PHE A 40 1.09 -8.31 -2.61
CA PHE A 40 0.34 -8.11 -3.85
C PHE A 40 1.12 -8.63 -5.05
N CYS A 41 2.29 -8.05 -5.29
CA CYS A 41 3.14 -8.46 -6.40
C CYS A 41 4.62 -8.38 -6.04
N GLU A 42 5.18 -9.50 -5.61
CA GLU A 42 6.59 -9.54 -5.23
C GLU A 42 7.20 -10.91 -5.48
N ASN A 43 8.43 -11.08 -5.00
CA ASN A 43 9.17 -12.34 -5.16
C ASN A 43 8.26 -13.55 -4.98
N LYS A 44 7.75 -13.74 -3.76
CA LYS A 44 6.87 -14.86 -3.47
C LYS A 44 5.40 -14.44 -3.58
N LEU A 45 5.04 -13.88 -4.73
CA LEU A 45 3.67 -13.44 -4.95
C LEU A 45 3.48 -12.98 -6.40
N ARG A 46 2.70 -13.75 -7.15
CA ARG A 46 2.44 -13.42 -8.55
C ARG A 46 1.57 -12.17 -8.67
N GLY A 1 -3.26 1.59 12.95
CA GLY A 1 -2.06 2.21 12.34
C GLY A 1 -2.39 3.34 11.38
N SER A 2 -2.49 4.56 11.91
CA SER A 2 -2.81 5.72 11.09
C SER A 2 -2.34 7.00 11.77
N PRO A 3 -1.08 7.40 11.53
CA PRO A 3 -0.51 8.62 12.12
C PRO A 3 -1.31 9.86 11.78
N TRP A 4 -1.35 10.21 10.49
CA TRP A 4 -2.10 11.38 10.04
C TRP A 4 -3.43 10.98 9.43
N SER A 5 -3.39 10.05 8.49
CA SER A 5 -4.60 9.57 7.82
C SER A 5 -5.61 9.05 8.84
N LEU A 6 -6.89 9.39 8.62
CA LEU A 6 -7.95 8.96 9.51
C LEU A 6 -8.74 7.80 8.90
N SER A 7 -8.99 7.89 7.61
CA SER A 7 -9.73 6.84 6.91
C SER A 7 -9.27 6.72 5.46
N CYS A 8 -9.70 5.66 4.79
CA CYS A 8 -9.33 5.42 3.40
C CYS A 8 -10.51 4.82 2.62
N ARG A 9 -10.40 4.84 1.30
CA ARG A 9 -11.45 4.29 0.44
C ARG A 9 -11.71 2.83 0.76
N LYS A 10 -12.73 2.27 0.12
CA LYS A 10 -13.09 0.86 0.34
C LYS A 10 -12.02 -0.07 -0.23
N GLU A 11 -11.16 0.46 -1.08
CA GLU A 11 -10.08 -0.33 -1.69
C GLU A 11 -9.28 -1.07 -0.63
N GLN A 12 -9.40 -2.39 -0.61
CA GLN A 12 -8.68 -3.22 0.35
C GLN A 12 -7.18 -3.23 0.05
N GLY A 13 -6.84 -3.41 -1.22
CA GLY A 13 -5.45 -3.45 -1.63
C GLY A 13 -4.80 -2.08 -1.58
N LYS A 14 -4.50 -1.60 -0.37
CA LYS A 14 -3.87 -0.30 -0.20
C LYS A 14 -2.90 -0.32 0.98
N PHE A 15 -1.88 0.53 0.92
CA PHE A 15 -0.88 0.63 1.98
C PHE A 15 -0.73 2.06 2.47
N TYR A 16 0.19 2.28 3.40
CA TYR A 16 0.43 3.61 3.93
C TYR A 16 1.85 4.09 3.62
N ASP A 17 1.94 5.17 2.87
CA ASP A 17 3.23 5.74 2.49
C ASP A 17 3.55 6.96 3.35
N HIS A 18 4.35 6.75 4.39
CA HIS A 18 4.72 7.83 5.32
C HIS A 18 5.16 9.08 4.56
N LEU A 19 6.04 8.92 3.57
CA LEU A 19 6.53 10.04 2.79
C LEU A 19 5.37 10.86 2.23
N LEU A 20 4.22 10.21 2.07
CA LEU A 20 3.03 10.88 1.55
C LEU A 20 2.04 11.16 2.67
N ARG A 21 2.17 10.42 3.76
CA ARG A 21 1.29 10.56 4.92
C ARG A 21 -0.16 10.19 4.57
N ASP A 22 -0.34 9.51 3.45
CA ASP A 22 -1.67 9.10 3.02
C ASP A 22 -1.71 7.60 2.74
N CYS A 23 -2.86 7.10 2.31
CA CYS A 23 -3.01 5.69 2.01
C CYS A 23 -3.03 5.46 0.50
N ILE A 24 -1.90 5.01 -0.03
CA ILE A 24 -1.77 4.75 -1.45
C ILE A 24 -2.03 3.28 -1.78
N SER A 25 -2.37 3.01 -3.04
CA SER A 25 -2.65 1.63 -3.47
C SER A 25 -1.36 0.89 -3.78
N CYS A 26 -1.47 -0.44 -3.90
CA CYS A 26 -0.32 -1.27 -4.20
C CYS A 26 -0.30 -1.68 -5.66
N ALA A 27 -1.49 -1.96 -6.20
CA ALA A 27 -1.62 -2.38 -7.60
C ALA A 27 -0.96 -1.37 -8.54
N SER A 28 -1.16 -0.09 -8.27
CA SER A 28 -0.59 0.97 -9.09
C SER A 28 0.93 0.98 -9.00
N ILE A 29 1.47 0.30 -8.00
CA ILE A 29 2.92 0.24 -7.82
C ILE A 29 3.44 -1.19 -7.91
N CYS A 30 2.70 -2.05 -8.61
CA CYS A 30 3.11 -3.45 -8.77
C CYS A 30 4.44 -3.54 -9.50
N GLY A 31 5.42 -4.15 -8.85
CA GLY A 31 6.74 -4.30 -9.44
C GLY A 31 7.77 -3.40 -8.78
N GLN A 32 7.34 -2.20 -8.39
CA GLN A 32 8.22 -1.25 -7.75
C GLN A 32 7.58 -0.67 -6.49
N HIS A 33 7.25 -1.55 -5.55
CA HIS A 33 6.61 -1.14 -4.30
C HIS A 33 7.35 -1.73 -3.10
N PRO A 34 7.20 -1.10 -1.91
CA PRO A 34 7.86 -1.56 -0.69
C PRO A 34 7.39 -2.97 -0.29
N LYS A 35 7.88 -3.45 0.85
CA LYS A 35 7.52 -4.77 1.33
C LYS A 35 6.04 -4.83 1.71
N GLN A 36 5.54 -3.75 2.31
CA GLN A 36 4.14 -3.70 2.73
C GLN A 36 3.21 -4.07 1.59
N CYS A 37 3.58 -3.68 0.37
CA CYS A 37 2.78 -3.99 -0.82
C CYS A 37 3.23 -5.30 -1.46
N ALA A 38 4.04 -6.08 -0.73
CA ALA A 38 4.54 -7.34 -1.23
C ALA A 38 3.43 -8.38 -1.35
N TYR A 39 2.30 -8.12 -0.69
CA TYR A 39 1.17 -9.05 -0.72
C TYR A 39 0.36 -8.90 -2.00
N PHE A 40 0.76 -7.98 -2.88
CA PHE A 40 0.06 -7.75 -4.14
C PHE A 40 0.82 -8.36 -5.30
N CYS A 41 1.97 -7.79 -5.62
CA CYS A 41 2.79 -8.27 -6.74
C CYS A 41 4.23 -8.53 -6.28
N GLU A 42 4.43 -9.62 -5.54
CA GLU A 42 5.76 -9.95 -5.06
C GLU A 42 5.89 -11.45 -4.80
N ASN A 43 7.01 -11.85 -4.21
CA ASN A 43 7.26 -13.25 -3.90
C ASN A 43 6.08 -13.89 -3.18
N LYS A 44 5.36 -13.08 -2.41
CA LYS A 44 4.20 -13.57 -1.66
C LYS A 44 3.14 -14.14 -2.60
N LEU A 45 2.36 -13.25 -3.22
CA LEU A 45 1.31 -13.67 -4.14
C LEU A 45 1.87 -13.88 -5.54
N ARG A 46 1.09 -14.54 -6.39
CA ARG A 46 1.50 -14.81 -7.76
C ARG A 46 1.56 -13.52 -8.57
#